data_7LNH
#
_entry.id   7LNH
#
_cell.length_a   144.191
_cell.length_b   144.191
_cell.length_c   188.196
_cell.angle_alpha   90.000
_cell.angle_beta   90.000
_cell.angle_gamma   120.000
#
_symmetry.space_group_name_H-M   'P 63 2 2'
#
loop_
_entity.id
_entity.type
_entity.pdbx_description
1 polymer 'S-adenosylmethionine synthase isoform type-2'
2 non-polymer '(2~{S})-2-azanyl-4-[[(2~{S},3~{S},4~{R},5~{R})-5-[2,4-bis(oxidanylidene)pyrimidin-1-yl]-3,4-bis(oxidanyl)oxolan-2-yl]methyl-methyl-$l^{3}-sulfanyl]butanoic acid'
3 non-polymer 1,2-ETHANEDIOL
4 water water
#
_entity_poly.entity_id   1
_entity_poly.type   'polypeptide(L)'
_entity_poly.pdbx_seq_one_letter_code
;MNGQLNGFHEAFIEEGTFLFTSESVGEGHPDKICDQISDAVLDAHLQQDPDAKVACETVAKTGMILLAGEITSRAAVDYQ
KVVREAVKHIGYDDSSKGFDYKTCNVLVALEQQSPDIAQGVHLDRNEEDIGAGDQGLMFGYATDETEECMPLTIVLAHKL
NAKLAELRRNGTLPWLRPDSKTQVTVQYMQDRGAVLPIRVHTIVISVQHDEEVCLDEMRDALKEKVIKAVVPAKYLDEDT
IYHLQPSGRFVIGGPQGDAGLTGRKIIVDTYGGWGAHGGGAFSGKDYTKVDRSAAYAARWVAKSLVKGGLCRRVLVQVSY
AIGVSHPLSISIFHYGTSQKSERELLEIVKKNFDLRPGVIVRDLDLKKPIYQRTAAYGHFGRDSFPWEVPKKLKY
;
_entity_poly.pdbx_strand_id   A,B
#
loop_
_chem_comp.id
_chem_comp.type
_chem_comp.name
_chem_comp.formula
EDO non-polymer 1,2-ETHANEDIOL 'C2 H6 O2'
YQP non-polymer '(2~{S})-2-azanyl-4-[[(2~{S},3~{S},4~{R},5~{R})-5-[2,4-bis(oxidanylidene)pyrimidin-1-yl]-3,4-bis(oxidanyl)oxolan-2-yl]methyl-methyl-$l^{3}-sulfanyl]butanoic acid' 'C14 H21 N3 O7 S'
#
# COMPACT_ATOMS: atom_id res chain seq x y z
N GLU A 15 24.91 -18.80 -8.48
CA GLU A 15 23.98 -18.19 -9.42
C GLU A 15 24.13 -16.67 -9.45
N GLY A 16 23.55 -16.01 -8.46
CA GLY A 16 23.53 -14.56 -8.43
C GLY A 16 22.44 -13.93 -9.26
N THR A 17 21.50 -14.72 -9.77
CA THR A 17 20.43 -14.22 -10.63
C THR A 17 19.08 -14.42 -9.95
N PHE A 18 18.12 -13.59 -10.32
CA PHE A 18 16.80 -13.64 -9.70
C PHE A 18 15.80 -12.92 -10.60
N LEU A 19 14.52 -13.26 -10.42
CA LEU A 19 13.44 -12.62 -11.13
C LEU A 19 12.79 -11.57 -10.23
N PHE A 20 12.28 -10.51 -10.85
CA PHE A 20 11.57 -9.46 -10.13
C PHE A 20 10.43 -8.97 -11.01
N THR A 21 9.30 -8.67 -10.38
CA THR A 21 8.09 -8.30 -11.10
C THR A 21 7.52 -7.00 -10.55
N SER A 22 7.04 -6.15 -11.45
CA SER A 22 6.30 -4.95 -11.08
C SER A 22 5.11 -4.82 -12.02
N GLU A 23 4.07 -4.12 -11.57
CA GLU A 23 2.89 -3.94 -12.39
C GLU A 23 2.55 -2.45 -12.51
N SER A 24 1.69 -2.16 -13.47
CA SER A 24 1.16 -0.82 -13.67
C SER A 24 -0.25 -0.93 -14.24
N VAL A 25 -0.99 0.16 -14.14
CA VAL A 25 -2.40 0.17 -14.55
C VAL A 25 -2.67 1.44 -15.37
N GLY A 26 -3.67 1.35 -16.23
CA GLY A 26 -4.02 2.47 -17.08
C GLY A 26 -4.91 3.48 -16.39
N GLU A 27 -5.11 4.61 -17.07
CA GLU A 27 -5.97 5.67 -16.52
C GLU A 27 -7.39 5.18 -16.27
N GLY A 28 -7.81 4.11 -16.96
CA GLY A 28 -9.15 3.58 -16.81
C GLY A 28 -9.33 2.56 -15.71
N HIS A 29 -8.26 2.13 -15.06
CA HIS A 29 -8.38 1.22 -13.94
C HIS A 29 -9.11 1.92 -12.79
N PRO A 30 -10.06 1.24 -12.14
CA PRO A 30 -10.90 1.91 -11.13
C PRO A 30 -10.12 2.64 -10.04
N ASP A 31 -9.05 2.02 -9.53
CA ASP A 31 -8.27 2.66 -8.47
C ASP A 31 -7.55 3.91 -8.97
N LYS A 32 -7.14 3.94 -10.24
CA LYS A 32 -6.47 5.12 -10.78
C LYS A 32 -7.46 6.19 -11.20
N ILE A 33 -8.69 5.81 -11.54
CA ILE A 33 -9.75 6.79 -11.74
C ILE A 33 -9.92 7.63 -10.48
N CYS A 34 -9.96 6.98 -9.32
CA CYS A 34 -10.07 7.70 -8.06
C CYS A 34 -8.85 8.56 -7.80
N ASP A 35 -7.66 8.01 -8.05
CA ASP A 35 -6.44 8.81 -7.87
C ASP A 35 -6.45 10.04 -8.77
N GLN A 36 -6.97 9.90 -9.99
CA GLN A 36 -6.96 11.01 -10.93
C GLN A 36 -8.03 12.04 -10.57
N ILE A 37 -9.22 11.57 -10.18
CA ILE A 37 -10.30 12.48 -9.82
C ILE A 37 -9.95 13.26 -8.56
N SER A 38 -9.36 12.59 -7.56
CA SER A 38 -8.97 13.27 -6.33
C SER A 38 -7.93 14.36 -6.61
N ASP A 39 -7.01 14.11 -7.53
CA ASP A 39 -6.01 15.12 -7.87
C ASP A 39 -6.57 16.17 -8.81
N ALA A 40 -7.59 15.84 -9.60
CA ALA A 40 -8.29 16.87 -10.36
C ALA A 40 -8.98 17.86 -9.42
N VAL A 41 -9.58 17.34 -8.33
CA VAL A 41 -10.18 18.22 -7.34
C VAL A 41 -9.11 19.05 -6.65
N LEU A 42 -7.94 18.45 -6.38
CA LEU A 42 -6.86 19.19 -5.74
C LEU A 42 -6.39 20.35 -6.61
N ASP A 43 -6.30 20.13 -7.92
CA ASP A 43 -5.89 21.20 -8.82
C ASP A 43 -6.90 22.34 -8.84
N ALA A 44 -8.20 22.01 -8.87
CA ALA A 44 -9.22 23.05 -8.95
C ALA A 44 -9.18 23.96 -7.73
N HIS A 45 -8.89 23.41 -6.55
CA HIS A 45 -8.76 24.24 -5.36
C HIS A 45 -7.45 25.01 -5.35
N LEU A 46 -6.40 24.47 -5.96
CA LEU A 46 -5.14 25.18 -6.06
C LEU A 46 -5.14 26.24 -7.16
N GLN A 47 -5.99 26.08 -8.18
CA GLN A 47 -6.12 27.09 -9.22
C GLN A 47 -6.78 28.36 -8.72
N GLN A 48 -7.38 28.33 -7.52
CA GLN A 48 -7.98 29.52 -6.91
C GLN A 48 -7.35 29.86 -5.57
N ASP A 49 -7.16 28.88 -4.70
CA ASP A 49 -6.58 29.10 -3.37
C ASP A 49 -5.32 28.26 -3.22
N PRO A 50 -4.14 28.82 -3.45
CA PRO A 50 -2.91 28.02 -3.36
C PRO A 50 -2.68 27.41 -1.98
N ASP A 51 -3.15 28.07 -0.92
CA ASP A 51 -3.05 27.52 0.43
C ASP A 51 -4.23 26.64 0.79
N ALA A 52 -4.78 25.91 -0.18
CA ALA A 52 -5.88 25.00 0.10
C ALA A 52 -5.41 23.88 1.02
N LYS A 53 -6.37 23.32 1.76
CA LYS A 53 -6.15 22.16 2.62
C LYS A 53 -7.06 21.05 2.11
N VAL A 54 -6.54 20.24 1.20
CA VAL A 54 -7.32 19.24 0.50
C VAL A 54 -6.95 17.86 1.02
N ALA A 55 -7.98 17.07 1.34
CA ALA A 55 -7.82 15.66 1.72
C ALA A 55 -8.92 14.86 1.04
N CYS A 56 -9.01 15.00 -0.28
CA CYS A 56 -10.12 14.42 -1.03
C CYS A 56 -9.86 12.96 -1.33
N GLU A 57 -10.86 12.12 -1.03
CA GLU A 57 -10.84 10.70 -1.35
C GLU A 57 -11.97 10.41 -2.31
N THR A 58 -11.71 9.60 -3.33
CA THR A 58 -12.69 9.28 -4.36
C THR A 58 -12.99 7.79 -4.33
N VAL A 59 -14.27 7.46 -4.51
CA VAL A 59 -14.73 6.08 -4.59
C VAL A 59 -15.46 5.90 -5.92
N ALA A 60 -15.12 4.84 -6.65
CA ALA A 60 -15.70 4.57 -7.96
C ALA A 60 -16.28 3.17 -8.00
N LYS A 61 -17.55 3.08 -8.39
CA LYS A 61 -18.26 1.82 -8.55
C LYS A 61 -19.23 2.00 -9.71
N THR A 62 -19.99 0.95 -10.01
CA THR A 62 -20.94 0.97 -11.11
C THR A 62 -21.81 2.22 -11.09
N GLY A 63 -21.52 3.16 -12.00
CA GLY A 63 -22.31 4.35 -12.18
C GLY A 63 -22.13 5.42 -11.12
N MET A 64 -21.22 5.25 -10.18
CA MET A 64 -21.11 6.16 -9.05
C MET A 64 -19.67 6.63 -8.85
N ILE A 65 -19.50 7.94 -8.75
CA ILE A 65 -18.27 8.55 -8.27
C ILE A 65 -18.60 9.26 -6.96
N LEU A 66 -17.94 8.88 -5.88
CA LEU A 66 -18.19 9.46 -4.57
C LEU A 66 -16.97 10.25 -4.13
N LEU A 67 -17.18 11.51 -3.77
CA LEU A 67 -16.15 12.34 -3.15
C LEU A 67 -16.37 12.36 -1.64
N ALA A 68 -15.31 12.12 -0.89
CA ALA A 68 -15.38 12.12 0.57
C ALA A 68 -14.05 12.58 1.12
N GLY A 69 -14.09 13.36 2.19
CA GLY A 69 -12.90 13.90 2.78
C GLY A 69 -13.17 15.25 3.39
N GLU A 70 -12.11 16.03 3.54
CA GLU A 70 -12.15 17.30 4.27
C GLU A 70 -11.38 18.34 3.47
N ILE A 71 -12.03 19.45 3.13
CA ILE A 71 -11.43 20.50 2.32
C ILE A 71 -11.78 21.85 2.93
N THR A 72 -10.77 22.70 3.11
CA THR A 72 -10.95 24.09 3.51
C THR A 72 -10.12 24.97 2.58
N SER A 73 -10.79 25.71 1.71
CA SER A 73 -10.10 26.58 0.77
C SER A 73 -11.04 27.70 0.35
N ARG A 74 -10.54 28.93 0.34
CA ARG A 74 -11.33 30.07 -0.13
C ARG A 74 -11.50 29.97 -1.65
N ALA A 75 -12.22 28.95 -2.11
CA ALA A 75 -12.31 28.66 -3.53
C ALA A 75 -13.60 27.90 -3.81
N ALA A 76 -14.33 28.33 -4.83
CA ALA A 76 -15.55 27.66 -5.25
C ALA A 76 -15.25 26.83 -6.49
N VAL A 77 -15.51 25.53 -6.40
CA VAL A 77 -15.28 24.61 -7.50
C VAL A 77 -16.55 23.82 -7.75
N ASP A 78 -16.83 23.52 -9.02
CA ASP A 78 -17.99 22.73 -9.41
C ASP A 78 -17.58 21.27 -9.41
N TYR A 79 -17.91 20.56 -8.33
CA TYR A 79 -17.54 19.15 -8.22
C TYR A 79 -18.18 18.32 -9.33
N GLN A 80 -19.47 18.58 -9.60
CA GLN A 80 -20.14 17.86 -10.68
C GLN A 80 -19.42 18.06 -12.01
N LYS A 81 -18.84 19.24 -12.22
CA LYS A 81 -18.16 19.50 -13.48
C LYS A 81 -16.72 19.01 -13.45
N VAL A 82 -16.02 19.21 -12.34
CA VAL A 82 -14.63 18.78 -12.25
C VAL A 82 -14.53 17.27 -12.36
N VAL A 83 -15.38 16.55 -11.61
CA VAL A 83 -15.36 15.09 -11.64
C VAL A 83 -15.68 14.58 -13.04
N ARG A 84 -16.73 15.12 -13.65
CA ARG A 84 -17.14 14.63 -14.97
C ARG A 84 -16.16 15.03 -16.06
N GLU A 85 -15.47 16.16 -15.89
CA GLU A 85 -14.46 16.56 -16.87
C GLU A 85 -13.28 15.59 -16.84
N ALA A 86 -12.91 15.10 -15.66
CA ALA A 86 -11.84 14.12 -15.55
C ALA A 86 -12.27 12.79 -16.19
N VAL A 87 -13.47 12.33 -15.88
CA VAL A 87 -13.98 11.08 -16.47
C VAL A 87 -14.01 11.19 -17.99
N LYS A 88 -14.40 12.35 -18.51
CA LYS A 88 -14.38 12.56 -19.96
C LYS A 88 -12.97 12.44 -20.50
N HIS A 89 -11.99 13.00 -19.80
CA HIS A 89 -10.61 12.93 -20.26
C HIS A 89 -10.12 11.48 -20.33
N ILE A 90 -10.46 10.68 -19.32
CA ILE A 90 -10.03 9.29 -19.31
C ILE A 90 -10.66 8.52 -20.47
N GLY A 91 -11.85 8.93 -20.88
CA GLY A 91 -12.46 8.39 -22.08
C GLY A 91 -13.71 7.52 -21.89
N TYR A 92 -14.34 7.56 -20.72
CA TYR A 92 -15.59 6.82 -20.51
C TYR A 92 -16.75 7.75 -20.85
N ASP A 93 -17.30 7.61 -22.06
CA ASP A 93 -18.30 8.55 -22.55
C ASP A 93 -19.53 7.84 -23.13
N ASP A 94 -19.74 6.57 -22.82
CA ASP A 94 -20.90 5.86 -23.32
C ASP A 94 -21.15 4.63 -22.47
N SER A 95 -22.42 4.21 -22.42
CA SER A 95 -22.80 3.02 -21.67
C SER A 95 -22.21 1.75 -22.26
N SER A 96 -21.80 1.78 -23.54
CA SER A 96 -21.16 0.62 -24.14
C SER A 96 -19.77 0.37 -23.57
N LYS A 97 -19.17 1.36 -22.93
CA LYS A 97 -17.87 1.22 -22.30
C LYS A 97 -17.95 0.94 -20.81
N GLY A 98 -19.16 0.82 -20.27
CA GLY A 98 -19.37 0.52 -18.86
C GLY A 98 -19.49 1.73 -17.96
N PHE A 99 -19.25 2.93 -18.47
CA PHE A 99 -19.26 4.14 -17.66
C PHE A 99 -19.32 5.35 -18.59
N ASP A 100 -20.10 6.35 -18.21
CA ASP A 100 -20.31 7.53 -19.03
C ASP A 100 -20.38 8.75 -18.12
N TYR A 101 -19.52 9.74 -18.40
CA TYR A 101 -19.47 10.93 -17.55
C TYR A 101 -20.76 11.74 -17.63
N LYS A 102 -21.46 11.67 -18.76
CA LYS A 102 -22.64 12.50 -18.95
C LYS A 102 -23.78 12.11 -18.00
N THR A 103 -23.88 10.83 -17.66
CA THR A 103 -25.04 10.33 -16.91
C THR A 103 -24.67 9.59 -15.62
N CYS A 104 -23.41 9.65 -15.19
CA CYS A 104 -23.03 8.94 -13.98
C CYS A 104 -23.43 9.72 -12.74
N ASN A 105 -23.66 8.98 -11.65
CA ASN A 105 -24.01 9.57 -10.38
C ASN A 105 -22.76 10.09 -9.68
N VAL A 106 -22.86 11.29 -9.10
CA VAL A 106 -21.75 11.94 -8.43
C VAL A 106 -22.26 12.41 -7.07
N LEU A 107 -21.87 11.71 -6.01
CA LEU A 107 -22.21 12.07 -4.64
C LEU A 107 -21.05 12.79 -4.00
N VAL A 108 -21.36 13.79 -3.18
CA VAL A 108 -20.35 14.63 -2.53
C VAL A 108 -20.59 14.58 -1.03
N ALA A 109 -19.63 14.01 -0.31
CA ALA A 109 -19.65 13.95 1.15
C ALA A 109 -18.49 14.74 1.74
N LEU A 110 -18.09 15.82 1.08
CA LEU A 110 -16.96 16.62 1.54
C LEU A 110 -17.41 17.59 2.62
N GLU A 111 -16.56 17.76 3.63
CA GLU A 111 -16.85 18.68 4.73
C GLU A 111 -15.70 19.65 4.89
N GLN A 112 -15.57 20.24 6.07
CA GLN A 112 -14.41 21.05 6.40
C GLN A 112 -13.36 20.17 7.09
N GLN A 113 -12.11 20.65 7.10
CA GLN A 113 -11.06 19.96 7.81
C GLN A 113 -11.31 20.04 9.32
N SER A 114 -10.93 18.96 10.01
CA SER A 114 -11.11 18.87 11.45
C SER A 114 -10.44 20.05 12.16
N PRO A 115 -11.17 20.83 12.96
CA PRO A 115 -10.53 21.95 13.68
C PRO A 115 -9.44 21.50 14.64
N ASP A 116 -9.50 20.26 15.15
CA ASP A 116 -8.44 19.77 16.02
C ASP A 116 -7.14 19.54 15.27
N ILE A 117 -7.23 19.09 14.01
CA ILE A 117 -6.03 18.94 13.19
C ILE A 117 -5.49 20.31 12.78
N ALA A 118 -6.40 21.24 12.44
CA ALA A 118 -5.97 22.55 11.93
C ALA A 118 -5.26 23.37 13.01
N GLN A 119 -5.67 23.25 14.27
CA GLN A 119 -5.04 24.01 15.35
C GLN A 119 -3.70 23.43 15.78
N GLY A 120 -3.20 22.42 15.09
CA GLY A 120 -1.92 21.83 15.44
C GLY A 120 -1.08 21.45 14.23
N VAL A 121 -1.35 22.06 13.08
CA VAL A 121 -0.58 21.78 11.87
C VAL A 121 -0.13 23.08 11.20
N HIS A 122 -1.08 23.95 10.87
CA HIS A 122 -0.78 25.10 10.03
C HIS A 122 -1.35 26.44 10.50
N LEU A 123 -2.08 26.47 11.61
CA LEU A 123 -2.71 27.72 12.05
C LEU A 123 -1.71 28.59 12.80
N ASP A 124 -1.65 29.86 12.42
CA ASP A 124 -0.92 30.93 13.11
C ASP A 124 0.60 30.81 12.97
N ARG A 125 1.09 29.74 12.36
CA ARG A 125 2.52 29.58 12.13
C ARG A 125 2.90 30.12 10.76
N ASN A 126 4.05 30.80 10.69
CA ASN A 126 4.56 31.16 9.37
C ASN A 126 5.06 29.90 8.66
N GLU A 127 5.12 29.99 7.32
CA GLU A 127 5.12 28.79 6.48
C GLU A 127 6.30 27.86 6.77
N GLU A 128 7.48 28.39 7.09
CA GLU A 128 8.66 27.55 7.26
C GLU A 128 8.58 26.64 8.48
N ASP A 129 7.59 26.81 9.35
CA ASP A 129 7.43 25.98 10.54
C ASP A 129 6.09 25.25 10.58
N ILE A 130 5.42 25.13 9.44
CA ILE A 130 4.18 24.35 9.38
C ILE A 130 4.49 22.91 9.74
N GLY A 131 3.89 22.44 10.83
CA GLY A 131 4.10 21.07 11.25
C GLY A 131 3.55 20.08 10.25
N ALA A 132 3.98 18.83 10.40
CA ALA A 132 3.50 17.78 9.52
C ALA A 132 2.00 17.59 9.68
N GLY A 133 1.29 17.53 8.55
CA GLY A 133 -0.14 17.31 8.57
C GLY A 133 -0.56 16.00 9.20
N ASP A 134 0.36 15.08 9.39
CA ASP A 134 0.12 13.78 10.04
C ASP A 134 1.48 13.16 10.31
N GLN A 135 1.48 12.08 11.08
CA GLN A 135 2.69 11.31 11.29
C GLN A 135 2.90 10.40 10.08
N GLY A 136 3.87 9.49 10.17
CA GLY A 136 4.08 8.51 9.13
C GLY A 136 5.53 8.45 8.69
N LEU A 137 5.79 7.49 7.82
CA LEU A 137 7.13 7.23 7.30
C LEU A 137 7.07 7.24 5.78
N MET A 138 8.13 7.75 5.15
CA MET A 138 8.19 7.88 3.70
C MET A 138 9.58 7.46 3.22
N PHE A 139 9.64 6.95 1.99
CA PHE A 139 10.86 6.38 1.45
C PHE A 139 11.22 7.04 0.12
N GLY A 140 12.50 7.00 -0.20
CA GLY A 140 12.99 7.44 -1.51
C GLY A 140 14.02 6.47 -2.04
N TYR A 141 13.92 6.18 -3.33
CA TYR A 141 14.72 5.14 -3.95
C TYR A 141 15.22 5.63 -5.30
N ALA A 142 16.38 5.12 -5.72
CA ALA A 142 16.96 5.46 -7.01
C ALA A 142 17.97 4.39 -7.38
N THR A 143 17.98 4.01 -8.66
CA THR A 143 18.86 2.96 -9.15
C THR A 143 19.42 3.36 -10.51
N ASP A 144 20.69 3.02 -10.74
CA ASP A 144 21.38 3.42 -11.97
C ASP A 144 21.04 2.55 -13.18
N GLU A 145 20.12 1.60 -13.04
CA GLU A 145 19.83 0.65 -14.11
C GLU A 145 19.09 1.28 -15.28
N THR A 146 18.55 2.48 -15.13
CA THR A 146 17.93 3.21 -16.23
C THR A 146 18.40 4.64 -16.22
N GLU A 147 18.18 5.32 -17.34
CA GLU A 147 18.53 6.74 -17.44
C GLU A 147 17.75 7.58 -16.45
N GLU A 148 16.48 7.25 -16.23
CA GLU A 148 15.61 7.98 -15.32
C GLU A 148 15.77 7.55 -13.87
N CYS A 149 16.77 6.71 -13.57
CA CYS A 149 17.08 6.30 -12.20
C CYS A 149 15.93 5.52 -11.56
N MET A 150 15.28 4.65 -12.32
CA MET A 150 14.15 3.89 -11.85
C MET A 150 14.30 2.42 -12.21
N PRO A 151 13.66 1.52 -11.47
CA PRO A 151 13.73 0.10 -11.82
C PRO A 151 13.12 -0.16 -13.19
N LEU A 152 13.78 -1.02 -13.96
CA LEU A 152 13.30 -1.29 -15.32
C LEU A 152 11.92 -1.92 -15.31
N THR A 153 11.62 -2.74 -14.29
CA THR A 153 10.32 -3.41 -14.23
C THR A 153 9.19 -2.40 -14.21
N ILE A 154 9.30 -1.37 -13.37
CA ILE A 154 8.21 -0.41 -13.25
C ILE A 154 8.24 0.57 -14.42
N VAL A 155 9.42 0.86 -14.97
CA VAL A 155 9.50 1.76 -16.12
C VAL A 155 8.78 1.16 -17.32
N LEU A 156 9.07 -0.11 -17.61
CA LEU A 156 8.44 -0.76 -18.76
C LEU A 156 6.94 -0.93 -18.57
N ALA A 157 6.52 -1.27 -17.34
CA ALA A 157 5.09 -1.43 -17.08
C ALA A 157 4.35 -0.11 -17.26
N HIS A 158 4.95 1.00 -16.81
CA HIS A 158 4.32 2.31 -16.99
C HIS A 158 4.23 2.68 -18.46
N LYS A 159 5.33 2.52 -19.20
CA LYS A 159 5.36 2.91 -20.60
C LYS A 159 4.47 2.04 -21.48
N LEU A 160 4.17 0.81 -21.05
CA LEU A 160 3.22 -0.02 -21.80
C LEU A 160 1.83 0.58 -21.75
N ASN A 161 1.33 0.90 -20.56
CA ASN A 161 0.02 1.53 -20.42
C ASN A 161 -0.03 2.86 -21.14
N ALA A 162 1.05 3.64 -21.07
CA ALA A 162 1.08 4.93 -21.73
C ALA A 162 0.99 4.79 -23.24
N LYS A 163 1.68 3.80 -23.81
CA LYS A 163 1.58 3.55 -25.24
C LYS A 163 0.17 3.11 -25.64
N LEU A 164 -0.44 2.24 -24.84
CA LEU A 164 -1.83 1.84 -25.08
C LEU A 164 -2.74 3.05 -25.17
N ALA A 165 -2.61 3.98 -24.22
CA ALA A 165 -3.44 5.18 -24.24
C ALA A 165 -3.09 6.08 -25.43
N GLU A 166 -1.82 6.11 -25.83
CA GLU A 166 -1.42 6.91 -26.98
C GLU A 166 -2.09 6.41 -28.26
N LEU A 167 -2.05 5.10 -28.48
CA LEU A 167 -2.65 4.54 -29.70
C LEU A 167 -4.17 4.56 -29.65
N ARG A 168 -4.75 4.51 -28.45
CA ARG A 168 -6.20 4.58 -28.33
C ARG A 168 -6.72 5.97 -28.67
N ARG A 169 -6.02 7.01 -28.24
CA ARG A 169 -6.55 8.37 -28.37
C ARG A 169 -6.36 8.90 -29.79
N ASN A 170 -5.16 8.73 -30.37
CA ASN A 170 -4.93 9.22 -31.72
C ASN A 170 -5.75 8.45 -32.76
N GLY A 171 -6.14 7.22 -32.46
CA GLY A 171 -6.94 6.43 -33.36
C GLY A 171 -6.22 5.27 -34.03
N THR A 172 -4.98 4.99 -33.66
CA THR A 172 -4.26 3.87 -34.25
C THR A 172 -4.97 2.55 -33.96
N LEU A 173 -5.38 2.37 -32.70
CA LEU A 173 -6.16 1.20 -32.28
C LEU A 173 -7.46 1.73 -31.67
N PRO A 174 -8.45 2.05 -32.51
CA PRO A 174 -9.70 2.63 -31.99
C PRO A 174 -10.56 1.66 -31.20
N TRP A 175 -10.16 0.41 -31.11
CA TRP A 175 -10.90 -0.59 -30.34
C TRP A 175 -10.45 -0.67 -28.89
N LEU A 176 -9.44 0.09 -28.50
CA LEU A 176 -8.99 0.09 -27.12
C LEU A 176 -9.96 0.89 -26.25
N ARG A 177 -10.09 0.46 -25.00
CA ARG A 177 -10.87 1.14 -23.97
C ARG A 177 -9.94 1.51 -22.82
N PRO A 178 -10.36 2.43 -21.94
CA PRO A 178 -9.39 3.02 -20.98
C PRO A 178 -8.80 2.05 -19.98
N ASP A 179 -9.54 1.03 -19.55
CA ASP A 179 -9.06 0.17 -18.47
C ASP A 179 -7.98 -0.78 -18.97
N SER A 180 -6.82 -0.76 -18.31
CA SER A 180 -5.71 -1.61 -18.71
C SER A 180 -4.82 -1.91 -17.51
N LYS A 181 -4.05 -2.98 -17.63
CA LYS A 181 -3.17 -3.46 -16.55
C LYS A 181 -2.03 -4.25 -17.16
N THR A 182 -0.79 -3.97 -16.72
CA THR A 182 0.40 -4.62 -17.23
C THR A 182 1.25 -5.15 -16.09
N GLN A 183 1.96 -6.25 -16.36
CA GLN A 183 2.99 -6.77 -15.47
C GLN A 183 4.25 -7.03 -16.28
N VAL A 184 5.40 -6.76 -15.67
CA VAL A 184 6.70 -6.93 -16.33
C VAL A 184 7.61 -7.68 -15.36
N THR A 185 7.97 -8.90 -15.72
CA THR A 185 8.94 -9.69 -14.96
C THR A 185 10.28 -9.66 -15.68
N VAL A 186 11.33 -9.26 -14.97
CA VAL A 186 12.64 -9.07 -15.55
C VAL A 186 13.65 -9.92 -14.79
N GLN A 187 14.52 -10.62 -15.52
CA GLN A 187 15.62 -11.34 -14.90
C GLN A 187 16.79 -10.39 -14.63
N TYR A 188 17.30 -10.43 -13.41
CA TYR A 188 18.33 -9.51 -12.96
C TYR A 188 19.60 -10.27 -12.58
N MET A 189 20.65 -9.51 -12.31
CA MET A 189 21.90 -10.05 -11.82
C MET A 189 22.42 -9.14 -10.73
N GLN A 190 22.78 -9.72 -9.59
CA GLN A 190 23.37 -8.94 -8.50
C GLN A 190 24.79 -8.52 -8.88
N ASP A 191 25.04 -7.22 -8.86
CA ASP A 191 26.30 -6.64 -9.34
C ASP A 191 26.86 -5.70 -8.27
N ARG A 192 27.65 -6.25 -7.35
CA ARG A 192 28.41 -5.46 -6.37
C ARG A 192 27.48 -4.55 -5.55
N GLY A 193 26.27 -5.03 -5.26
CA GLY A 193 25.29 -4.29 -4.51
C GLY A 193 24.16 -3.74 -5.37
N ALA A 194 24.45 -3.38 -6.61
CA ALA A 194 23.44 -2.89 -7.54
C ALA A 194 22.79 -4.09 -8.24
N VAL A 195 21.95 -3.82 -9.23
CA VAL A 195 21.29 -4.87 -10.00
C VAL A 195 21.42 -4.55 -11.47
N LEU A 196 21.60 -5.59 -12.29
CA LEU A 196 21.74 -5.43 -13.73
C LEU A 196 20.60 -6.14 -14.43
N PRO A 197 19.72 -5.41 -15.12
CA PRO A 197 18.64 -6.08 -15.87
C PRO A 197 19.20 -6.82 -17.08
N ILE A 198 18.90 -8.12 -17.16
CA ILE A 198 19.43 -8.97 -18.22
C ILE A 198 18.41 -9.12 -19.34
N ARG A 199 17.25 -9.69 -19.01
CA ARG A 199 16.24 -9.98 -20.02
C ARG A 199 14.86 -9.90 -19.41
N VAL A 200 13.88 -9.51 -20.23
CA VAL A 200 12.48 -9.53 -19.83
C VAL A 200 11.99 -10.98 -19.87
N HIS A 201 11.60 -11.51 -18.72
CA HIS A 201 11.18 -12.92 -18.65
C HIS A 201 9.76 -13.08 -19.17
N THR A 202 8.81 -12.37 -18.58
CA THR A 202 7.41 -12.45 -18.97
C THR A 202 6.80 -11.07 -18.86
N ILE A 203 5.88 -10.75 -19.78
CA ILE A 203 5.05 -9.56 -19.67
C ILE A 203 3.61 -9.94 -19.92
N VAL A 204 2.69 -9.30 -19.19
CA VAL A 204 1.26 -9.57 -19.26
C VAL A 204 0.55 -8.27 -19.56
N ILE A 205 -0.46 -8.34 -20.43
CA ILE A 205 -1.23 -7.15 -20.82
C ILE A 205 -2.70 -7.55 -20.91
N SER A 206 -3.52 -6.98 -20.04
CA SER A 206 -4.98 -7.07 -20.12
C SER A 206 -5.50 -5.66 -20.35
N VAL A 207 -6.15 -5.44 -21.50
CA VAL A 207 -6.68 -4.13 -21.84
C VAL A 207 -8.12 -4.29 -22.31
N GLN A 208 -8.98 -3.37 -21.86
CA GLN A 208 -10.39 -3.41 -22.22
C GLN A 208 -10.55 -3.07 -23.70
N HIS A 209 -11.54 -3.71 -24.33
CA HIS A 209 -11.74 -3.61 -25.77
C HIS A 209 -13.24 -3.69 -26.06
N ASP A 210 -13.60 -3.31 -27.28
CA ASP A 210 -14.99 -3.43 -27.70
C ASP A 210 -15.29 -4.89 -28.03
N GLU A 211 -16.47 -5.14 -28.60
CA GLU A 211 -16.90 -6.52 -28.84
C GLU A 211 -16.59 -7.00 -30.25
N GLU A 212 -16.52 -6.10 -31.23
CA GLU A 212 -16.43 -6.48 -32.63
C GLU A 212 -14.99 -6.49 -33.15
N VAL A 213 -14.01 -6.80 -32.30
CA VAL A 213 -12.62 -6.94 -32.72
C VAL A 213 -12.10 -8.26 -32.18
N CYS A 214 -11.62 -9.12 -33.08
CA CYS A 214 -11.26 -10.49 -32.70
C CYS A 214 -9.98 -10.52 -31.88
N LEU A 215 -9.80 -11.63 -31.17
CA LEU A 215 -8.66 -11.76 -30.25
C LEU A 215 -7.34 -11.91 -31.00
N ASP A 216 -7.37 -12.43 -32.23
CA ASP A 216 -6.15 -12.53 -33.02
C ASP A 216 -5.59 -11.14 -33.33
N GLU A 217 -6.45 -10.24 -33.83
CA GLU A 217 -5.99 -8.91 -34.19
C GLU A 217 -5.46 -8.15 -32.98
N MET A 218 -6.04 -8.38 -31.81
CA MET A 218 -5.60 -7.66 -30.60
C MET A 218 -4.21 -8.13 -30.17
N ARG A 219 -4.03 -9.44 -30.05
CA ARG A 219 -2.73 -9.96 -29.61
C ARG A 219 -1.65 -9.69 -30.66
N ASP A 220 -2.03 -9.64 -31.94
CA ASP A 220 -1.08 -9.24 -32.97
C ASP A 220 -0.64 -7.79 -32.79
N ALA A 221 -1.60 -6.90 -32.53
CA ALA A 221 -1.26 -5.50 -32.31
C ALA A 221 -0.58 -5.29 -30.97
N LEU A 222 -0.96 -6.07 -29.95
CA LEU A 222 -0.32 -5.93 -28.65
C LEU A 222 1.16 -6.28 -28.71
N LYS A 223 1.51 -7.24 -29.56
CA LYS A 223 2.91 -7.66 -29.65
C LYS A 223 3.72 -6.68 -30.48
N GLU A 224 3.23 -6.31 -31.66
CA GLU A 224 4.03 -5.58 -32.63
C GLU A 224 3.97 -4.07 -32.48
N LYS A 225 2.84 -3.53 -32.00
CA LYS A 225 2.63 -2.09 -32.04
C LYS A 225 2.80 -1.39 -30.70
N VAL A 226 2.87 -2.13 -29.60
CA VAL A 226 3.06 -1.48 -28.30
C VAL A 226 4.24 -2.11 -27.56
N ILE A 227 4.30 -3.45 -27.50
CA ILE A 227 5.38 -4.11 -26.78
C ILE A 227 6.72 -3.82 -27.45
N LYS A 228 6.83 -4.17 -28.74
CA LYS A 228 8.08 -3.95 -29.47
C LYS A 228 8.37 -2.47 -29.70
N ALA A 229 7.43 -1.59 -29.40
CA ALA A 229 7.63 -0.14 -29.51
C ALA A 229 7.97 0.51 -28.18
N VAL A 230 8.26 -0.29 -27.15
CA VAL A 230 8.42 0.24 -25.80
C VAL A 230 9.61 -0.45 -25.12
N VAL A 231 9.76 -1.75 -25.36
CA VAL A 231 10.80 -2.55 -24.74
C VAL A 231 11.98 -2.63 -25.71
N PRO A 232 13.20 -2.28 -25.28
CA PRO A 232 14.36 -2.43 -26.17
C PRO A 232 14.53 -3.87 -26.61
N ALA A 233 14.96 -4.03 -27.87
CA ALA A 233 14.95 -5.36 -28.48
C ALA A 233 15.89 -6.32 -27.76
N LYS A 234 16.97 -5.82 -27.17
CA LYS A 234 17.94 -6.71 -26.54
C LYS A 234 17.34 -7.44 -25.34
N TYR A 235 16.35 -6.82 -24.69
CA TYR A 235 15.72 -7.45 -23.52
C TYR A 235 14.76 -8.56 -23.91
N LEU A 236 14.17 -8.48 -25.10
CA LEU A 236 13.28 -9.52 -25.59
C LEU A 236 14.07 -10.53 -26.41
N ASP A 237 13.76 -11.81 -26.21
CA ASP A 237 14.30 -12.85 -27.08
C ASP A 237 13.16 -13.73 -27.57
N GLU A 238 13.41 -15.03 -27.73
CA GLU A 238 12.39 -15.97 -28.17
C GLU A 238 11.97 -16.93 -27.06
N ASP A 239 12.28 -16.61 -25.81
CA ASP A 239 11.80 -17.36 -24.66
C ASP A 239 10.95 -16.52 -23.71
N THR A 240 10.78 -15.23 -24.00
CA THR A 240 9.94 -14.39 -23.17
C THR A 240 8.48 -14.79 -23.35
N ILE A 241 7.77 -14.97 -22.24
CA ILE A 241 6.40 -15.45 -22.25
C ILE A 241 5.45 -14.28 -22.44
N TYR A 242 4.55 -14.40 -23.42
CA TYR A 242 3.59 -13.34 -23.74
C TYR A 242 2.19 -13.80 -23.34
N HIS A 243 1.66 -13.21 -22.28
CA HIS A 243 0.28 -13.43 -21.87
C HIS A 243 -0.50 -12.19 -22.29
N LEU A 244 -0.99 -12.21 -23.53
CA LEU A 244 -1.75 -11.10 -24.10
C LEU A 244 -3.23 -11.45 -24.04
N GLN A 245 -4.00 -10.65 -23.31
CA GLN A 245 -5.40 -10.94 -23.00
C GLN A 245 -5.54 -12.34 -22.41
N PRO A 246 -4.93 -12.59 -21.23
CA PRO A 246 -4.88 -13.97 -20.71
C PRO A 246 -6.18 -14.46 -20.08
N SER A 247 -6.86 -13.59 -19.33
CA SER A 247 -8.09 -14.02 -18.66
C SER A 247 -9.17 -14.41 -19.66
N GLY A 248 -9.10 -13.93 -20.89
CA GLY A 248 -10.08 -14.28 -21.90
C GLY A 248 -10.62 -13.07 -22.64
N ARG A 249 -11.86 -12.69 -22.33
CA ARG A 249 -12.49 -11.52 -22.89
C ARG A 249 -12.54 -10.41 -21.85
N PHE A 250 -12.36 -9.17 -22.30
CA PHE A 250 -12.27 -8.02 -21.42
C PHE A 250 -13.17 -6.89 -21.94
N VAL A 251 -14.46 -7.21 -22.08
CA VAL A 251 -15.42 -6.21 -22.54
C VAL A 251 -15.88 -5.33 -21.39
N ILE A 252 -16.04 -5.91 -20.20
CA ILE A 252 -16.52 -5.17 -19.02
C ILE A 252 -15.29 -4.69 -18.25
N GLY A 253 -15.13 -3.38 -18.18
CA GLY A 253 -14.05 -2.77 -17.43
C GLY A 253 -14.50 -1.53 -16.70
N GLY A 254 -13.55 -0.72 -16.24
CA GLY A 254 -13.87 0.49 -15.52
C GLY A 254 -14.47 0.19 -14.16
N PRO A 255 -15.20 1.16 -13.60
CA PRO A 255 -15.75 0.99 -12.24
C PRO A 255 -16.81 -0.11 -12.14
N GLN A 256 -17.25 -0.68 -13.25
CA GLN A 256 -18.29 -1.70 -13.19
C GLN A 256 -17.75 -3.01 -12.63
N GLY A 257 -16.46 -3.29 -12.81
CA GLY A 257 -15.91 -4.58 -12.44
C GLY A 257 -14.99 -4.59 -11.23
N ASP A 258 -14.79 -3.43 -10.60
CA ASP A 258 -13.93 -3.36 -9.42
C ASP A 258 -14.24 -2.06 -8.67
N ALA A 259 -14.55 -2.18 -7.39
CA ALA A 259 -14.74 -1.02 -6.54
C ALA A 259 -13.40 -0.30 -6.38
N GLY A 260 -13.29 0.89 -6.98
CA GLY A 260 -12.04 1.64 -6.94
C GLY A 260 -12.02 2.64 -5.79
N LEU A 261 -10.83 2.83 -5.22
CA LEU A 261 -10.64 3.74 -4.11
C LEU A 261 -9.37 4.54 -4.33
N THR A 262 -9.31 5.72 -3.72
CA THR A 262 -8.10 6.53 -3.78
C THR A 262 -7.02 5.92 -2.89
N GLY A 263 -5.82 5.76 -3.43
CA GLY A 263 -4.70 5.26 -2.65
C GLY A 263 -4.59 3.76 -2.54
N ARG A 264 -5.14 3.02 -3.49
CA ARG A 264 -4.99 1.57 -3.53
C ARG A 264 -3.92 1.11 -4.50
N LYS A 265 -3.20 2.04 -5.11
CA LYS A 265 -2.13 1.75 -6.07
C LYS A 265 -0.88 2.54 -5.72
N ILE A 266 -0.50 2.50 -4.43
CA ILE A 266 0.64 3.29 -3.99
C ILE A 266 1.95 2.70 -4.47
N ILE A 267 2.02 1.38 -4.64
CA ILE A 267 3.25 0.76 -5.11
C ILE A 267 3.44 1.02 -6.60
N VAL A 268 2.34 1.00 -7.36
CA VAL A 268 2.41 1.40 -8.77
C VAL A 268 2.86 2.85 -8.89
N ASP A 269 2.40 3.71 -7.98
CA ASP A 269 2.76 5.12 -8.00
C ASP A 269 4.23 5.37 -7.72
N THR A 270 4.93 4.42 -7.12
CA THR A 270 6.27 4.67 -6.62
C THR A 270 7.26 3.78 -7.38
N TYR A 271 7.71 2.67 -6.78
CA TYR A 271 8.85 1.92 -7.28
C TYR A 271 8.51 0.48 -7.67
N GLY A 272 7.23 0.16 -7.80
CA GLY A 272 6.81 -1.14 -8.27
C GLY A 272 7.32 -2.31 -7.47
N GLY A 273 7.53 -2.11 -6.18
CA GLY A 273 8.00 -3.15 -5.29
C GLY A 273 9.45 -3.01 -4.88
N TRP A 274 10.22 -2.20 -5.60
CA TRP A 274 11.59 -1.94 -5.21
C TRP A 274 11.64 -0.93 -4.07
N GLY A 275 12.76 -0.94 -3.35
CA GLY A 275 12.91 -0.04 -2.22
C GLY A 275 11.98 -0.41 -1.07
N ALA A 276 11.13 0.54 -0.69
CA ALA A 276 10.18 0.33 0.40
C ALA A 276 9.12 1.42 0.33
N HIS A 277 8.06 1.25 1.12
CA HIS A 277 6.97 2.22 1.20
C HIS A 277 6.58 2.39 2.66
N GLY A 278 6.12 3.59 2.99
CA GLY A 278 5.71 3.90 4.35
C GLY A 278 4.23 3.75 4.59
N GLY A 279 3.45 3.67 3.50
CA GLY A 279 2.03 3.46 3.56
C GLY A 279 1.19 4.63 3.10
N GLY A 280 1.79 5.83 3.00
CA GLY A 280 1.02 7.01 2.66
C GLY A 280 0.69 7.07 1.19
N ALA A 281 -0.55 7.47 0.89
CA ALA A 281 -1.00 7.69 -0.47
C ALA A 281 -0.77 9.14 -0.86
N PHE A 282 -0.79 9.40 -2.17
CA PHE A 282 -0.41 10.69 -2.72
C PHE A 282 -1.61 11.54 -3.14
N SER A 283 -2.49 10.98 -3.97
CA SER A 283 -3.54 11.78 -4.61
C SER A 283 -4.50 12.35 -3.58
N GLY A 284 -5.04 13.53 -3.90
CA GLY A 284 -6.04 14.18 -3.07
C GLY A 284 -5.50 14.92 -1.87
N LYS A 285 -4.19 14.99 -1.69
CA LYS A 285 -3.58 15.62 -0.52
C LYS A 285 -2.71 16.79 -0.96
N ASP A 286 -2.81 17.90 -0.23
CA ASP A 286 -1.95 19.04 -0.50
C ASP A 286 -0.60 18.84 0.20
N TYR A 287 0.25 19.86 0.12
CA TYR A 287 1.64 19.69 0.56
C TYR A 287 1.75 19.52 2.07
N THR A 288 0.79 20.01 2.84
CA THR A 288 0.87 19.89 4.30
C THR A 288 0.84 18.45 4.76
N LYS A 289 0.34 17.54 3.93
CA LYS A 289 0.35 16.11 4.23
C LYS A 289 1.70 15.56 3.78
N VAL A 290 2.58 15.28 4.75
CA VAL A 290 3.92 14.80 4.44
C VAL A 290 3.92 13.41 3.82
N ASP A 291 2.77 12.74 3.76
CA ASP A 291 2.68 11.48 3.04
C ASP A 291 3.08 11.64 1.58
N ARG A 292 2.90 12.84 1.02
CA ARG A 292 3.21 13.13 -0.37
C ARG A 292 4.45 14.00 -0.53
N SER A 293 4.51 15.13 0.18
CA SER A 293 5.61 16.08 -0.02
C SER A 293 6.93 15.52 0.47
N ALA A 294 6.93 14.80 1.59
CA ALA A 294 8.18 14.23 2.09
C ALA A 294 8.62 13.04 1.24
N ALA A 295 7.67 12.34 0.62
CA ALA A 295 8.04 11.26 -0.30
C ALA A 295 8.59 11.82 -1.60
N TYR A 296 8.05 12.96 -2.05
CA TYR A 296 8.60 13.61 -3.24
C TYR A 296 10.02 14.11 -2.98
N ALA A 297 10.28 14.59 -1.77
CA ALA A 297 11.61 15.06 -1.43
C ALA A 297 12.59 13.89 -1.31
N ALA A 298 12.14 12.76 -0.79
CA ALA A 298 13.01 11.60 -0.65
C ALA A 298 13.48 11.09 -2.01
N ARG A 299 12.56 11.03 -2.97
CA ARG A 299 12.96 10.71 -4.35
C ARG A 299 13.94 11.74 -4.88
N TRP A 300 13.69 13.02 -4.60
CA TRP A 300 14.61 14.07 -5.03
C TRP A 300 15.99 13.88 -4.40
N VAL A 301 16.03 13.41 -3.17
CA VAL A 301 17.31 13.14 -2.51
C VAL A 301 17.97 11.91 -3.12
N ALA A 302 17.22 10.81 -3.22
CA ALA A 302 17.80 9.56 -3.72
C ALA A 302 18.32 9.73 -5.14
N LYS A 303 17.58 10.43 -6.00
CA LYS A 303 17.99 10.55 -7.38
C LYS A 303 19.22 11.44 -7.53
N SER A 304 19.25 12.55 -6.81
CA SER A 304 20.42 13.43 -6.89
C SER A 304 21.66 12.75 -6.33
N LEU A 305 21.48 11.77 -5.43
CA LEU A 305 22.62 10.98 -4.95
C LEU A 305 23.17 10.10 -6.06
N VAL A 306 22.30 9.37 -6.75
CA VAL A 306 22.75 8.47 -7.82
C VAL A 306 23.25 9.28 -9.02
N LYS A 307 22.47 10.28 -9.43
CA LYS A 307 22.88 11.13 -10.53
C LYS A 307 24.14 11.92 -10.22
N GLY A 308 24.48 12.08 -8.94
CA GLY A 308 25.69 12.75 -8.52
C GLY A 308 26.92 11.88 -8.43
N GLY A 309 26.80 10.58 -8.71
CA GLY A 309 27.92 9.68 -8.67
C GLY A 309 28.31 9.17 -7.31
N LEU A 310 27.51 9.48 -6.27
CA LEU A 310 27.85 9.06 -4.91
C LEU A 310 27.46 7.61 -4.63
N CYS A 311 26.55 7.04 -5.43
CA CYS A 311 26.16 5.64 -5.27
C CYS A 311 25.37 5.22 -6.50
N ARG A 312 25.24 3.91 -6.68
CA ARG A 312 24.47 3.35 -7.78
C ARG A 312 23.06 2.97 -7.37
N ARG A 313 22.85 2.58 -6.11
CA ARG A 313 21.54 2.20 -5.60
C ARG A 313 21.44 2.69 -4.16
N VAL A 314 20.39 3.44 -3.85
CA VAL A 314 20.24 4.07 -2.55
C VAL A 314 18.79 4.03 -2.12
N LEU A 315 18.58 3.91 -0.80
CA LEU A 315 17.27 4.01 -0.18
C LEU A 315 17.36 4.98 0.99
N VAL A 316 16.37 5.87 1.09
CA VAL A 316 16.36 6.92 2.10
C VAL A 316 14.99 6.95 2.76
N GLN A 317 14.97 7.00 4.08
CA GLN A 317 13.73 7.02 4.86
C GLN A 317 13.64 8.31 5.65
N VAL A 318 12.40 8.76 5.87
CA VAL A 318 12.09 9.88 6.75
C VAL A 318 10.91 9.50 7.61
N SER A 319 10.76 10.22 8.72
CA SER A 319 9.69 10.01 9.68
C SER A 319 9.27 11.35 10.26
N TYR A 320 7.98 11.50 10.54
CA TYR A 320 7.44 12.74 11.07
C TYR A 320 6.48 12.45 12.21
N ALA A 321 6.12 13.52 12.92
CA ALA A 321 5.08 13.47 13.92
C ALA A 321 4.09 14.60 13.64
N ILE A 322 2.82 14.37 13.97
CA ILE A 322 1.76 15.34 13.73
C ILE A 322 2.05 16.60 14.53
N GLY A 323 2.36 17.69 13.82
CA GLY A 323 2.58 18.98 14.44
C GLY A 323 4.05 19.38 14.61
N VAL A 324 4.98 18.46 14.37
CA VAL A 324 6.40 18.74 14.50
C VAL A 324 6.96 19.08 13.13
N SER A 325 7.72 20.17 13.05
CA SER A 325 8.23 20.63 11.76
C SER A 325 9.35 19.73 11.26
N HIS A 326 10.39 19.55 12.07
CA HIS A 326 11.54 18.77 11.63
C HIS A 326 11.20 17.28 11.58
N PRO A 327 11.82 16.54 10.65
CA PRO A 327 11.59 15.09 10.61
C PRO A 327 12.11 14.42 11.87
N LEU A 328 11.48 13.30 12.22
CA LEU A 328 11.88 12.58 13.42
C LEU A 328 13.16 11.78 13.18
N SER A 329 13.33 11.22 11.99
CA SER A 329 14.51 10.44 11.69
C SER A 329 14.76 10.46 10.18
N ILE A 330 16.02 10.28 9.82
CA ILE A 330 16.43 10.08 8.43
C ILE A 330 17.41 8.92 8.40
N SER A 331 17.28 8.06 7.39
CA SER A 331 18.14 6.90 7.24
C SER A 331 18.62 6.81 5.80
N ILE A 332 19.83 6.25 5.63
CA ILE A 332 20.45 6.07 4.33
C ILE A 332 20.98 4.65 4.22
N PHE A 333 20.59 3.95 3.16
CA PHE A 333 21.12 2.63 2.84
C PHE A 333 21.53 2.64 1.38
N HIS A 334 22.78 2.26 1.11
CA HIS A 334 23.31 2.30 -0.24
C HIS A 334 23.63 0.91 -0.79
N TYR A 335 23.13 -0.15 -0.14
CA TYR A 335 23.26 -1.53 -0.62
C TYR A 335 24.72 -1.92 -0.88
N GLY A 336 25.66 -1.15 -0.37
CA GLY A 336 27.06 -1.42 -0.64
C GLY A 336 27.54 -0.96 -2.00
N THR A 337 26.85 0.00 -2.63
CA THR A 337 27.19 0.50 -3.95
C THR A 337 27.90 1.84 -3.88
N SER A 338 28.79 2.04 -2.91
CA SER A 338 29.40 3.34 -2.73
C SER A 338 30.74 3.17 -2.02
N GLN A 339 31.65 4.11 -2.28
CA GLN A 339 32.90 4.13 -1.52
C GLN A 339 32.66 4.68 -0.11
N LYS A 340 31.77 5.67 0.01
CA LYS A 340 31.49 6.28 1.29
C LYS A 340 30.54 5.42 2.11
N SER A 341 30.52 5.67 3.42
CA SER A 341 29.67 4.92 4.32
C SER A 341 28.25 5.47 4.29
N GLU A 342 27.31 4.67 4.80
CA GLU A 342 25.93 5.12 4.92
C GLU A 342 25.81 6.28 5.91
N ARG A 343 26.64 6.30 6.95
CA ARG A 343 26.64 7.43 7.87
C ARG A 343 27.17 8.70 7.19
N GLU A 344 28.17 8.55 6.32
CA GLU A 344 28.70 9.72 5.61
C GLU A 344 27.71 10.25 4.60
N LEU A 345 26.97 9.36 3.93
CA LEU A 345 25.92 9.81 3.03
C LEU A 345 24.81 10.51 3.78
N LEU A 346 24.55 10.10 5.03
CA LEU A 346 23.56 10.79 5.85
C LEU A 346 24.03 12.18 6.25
N GLU A 347 25.35 12.38 6.35
CA GLU A 347 25.88 13.71 6.64
C GLU A 347 25.80 14.61 5.41
N ILE A 348 26.02 14.05 4.22
CA ILE A 348 26.01 14.85 3.00
C ILE A 348 24.60 15.35 2.70
N VAL A 349 23.58 14.54 2.99
CA VAL A 349 22.22 14.95 2.69
C VAL A 349 21.70 15.95 3.72
N LYS A 350 22.08 15.79 4.98
CA LYS A 350 21.62 16.72 6.01
C LYS A 350 22.23 18.11 5.83
N LYS A 351 23.40 18.20 5.20
CA LYS A 351 24.02 19.48 4.93
C LYS A 351 23.56 20.11 3.63
N ASN A 352 22.83 19.37 2.79
CA ASN A 352 22.39 19.87 1.49
C ASN A 352 20.90 20.07 1.37
N PHE A 353 20.08 19.36 2.15
CA PHE A 353 18.64 19.39 2.00
C PHE A 353 17.97 19.84 3.29
N ASP A 354 16.76 20.38 3.14
CA ASP A 354 15.92 20.78 4.26
C ASP A 354 14.57 20.09 4.10
N LEU A 355 14.28 19.14 5.00
CA LEU A 355 13.11 18.28 4.86
C LEU A 355 11.95 18.70 5.75
N ARG A 356 11.82 20.00 6.04
CA ARG A 356 10.64 20.44 6.79
C ARG A 356 9.52 20.76 5.81
N PRO A 357 8.28 20.35 6.09
CA PRO A 357 7.21 20.45 5.09
C PRO A 357 6.83 21.88 4.77
N GLY A 358 7.55 22.84 5.34
CA GLY A 358 7.35 24.24 5.03
C GLY A 358 8.31 24.73 3.97
N VAL A 359 9.54 24.22 4.02
CA VAL A 359 10.57 24.62 3.07
C VAL A 359 10.55 23.75 1.81
N ILE A 360 10.11 22.49 1.92
CA ILE A 360 9.99 21.62 0.75
C ILE A 360 9.05 22.22 -0.27
N VAL A 361 8.04 22.98 0.18
CA VAL A 361 7.11 23.63 -0.74
C VAL A 361 7.87 24.57 -1.68
N ARG A 362 8.66 25.46 -1.11
CA ARG A 362 9.41 26.43 -1.91
C ARG A 362 10.41 25.73 -2.82
N ASP A 363 11.02 24.64 -2.34
CA ASP A 363 12.04 23.94 -3.11
C ASP A 363 11.46 23.14 -4.26
N LEU A 364 10.15 22.87 -4.27
CA LEU A 364 9.55 22.04 -5.29
C LEU A 364 8.31 22.64 -5.95
N ASP A 365 7.94 23.88 -5.64
CA ASP A 365 6.80 24.55 -6.25
C ASP A 365 5.53 23.72 -6.10
N LEU A 366 5.27 23.26 -4.87
CA LEU A 366 4.23 22.29 -4.58
C LEU A 366 2.86 22.91 -4.36
N LYS A 367 2.70 24.21 -4.65
CA LYS A 367 1.37 24.81 -4.63
C LYS A 367 0.78 24.99 -6.03
N LYS A 368 1.58 24.75 -7.08
CA LYS A 368 1.08 24.84 -8.43
C LYS A 368 0.15 23.66 -8.72
N PRO A 369 -0.99 23.90 -9.36
CA PRO A 369 -1.92 22.80 -9.67
C PRO A 369 -1.43 21.92 -10.81
N ILE A 370 -0.42 21.10 -10.53
CA ILE A 370 0.17 20.23 -11.55
C ILE A 370 0.17 18.79 -11.05
N TYR A 371 -0.82 18.44 -10.21
CA TYR A 371 -0.84 17.14 -9.57
C TYR A 371 -1.63 16.09 -10.34
N GLN A 372 -2.66 16.50 -11.10
CA GLN A 372 -3.42 15.53 -11.88
C GLN A 372 -2.52 14.82 -12.89
N ARG A 373 -1.46 15.49 -13.34
CA ARG A 373 -0.52 14.86 -14.26
C ARG A 373 0.17 13.68 -13.62
N THR A 374 0.45 13.77 -12.31
CA THR A 374 1.20 12.73 -11.61
C THR A 374 0.36 11.53 -11.23
N ALA A 375 -0.96 11.60 -11.39
CA ALA A 375 -1.87 10.58 -10.89
C ALA A 375 -1.92 9.34 -11.76
N ALA A 376 -1.00 9.16 -12.69
CA ALA A 376 -0.98 7.98 -13.53
C ALA A 376 0.41 7.82 -14.13
N TYR A 377 0.72 6.58 -14.52
CA TYR A 377 2.01 6.22 -15.10
C TYR A 377 3.17 6.49 -14.16
N GLY A 378 2.90 6.56 -12.86
CA GLY A 378 3.96 6.70 -11.88
C GLY A 378 4.25 8.13 -11.51
N HIS A 379 4.55 8.37 -10.23
CA HIS A 379 4.92 9.70 -9.77
C HIS A 379 6.40 9.99 -9.94
N PHE A 380 7.22 8.97 -10.18
CA PHE A 380 8.66 9.13 -10.22
C PHE A 380 9.21 8.65 -11.57
N GLY A 381 10.26 9.32 -12.02
CA GLY A 381 10.97 8.90 -13.22
C GLY A 381 10.51 9.52 -14.51
N ARG A 382 9.99 10.74 -14.48
CA ARG A 382 9.58 11.43 -15.70
C ARG A 382 9.86 12.92 -15.57
N ASP A 383 10.55 13.48 -16.55
CA ASP A 383 10.89 14.90 -16.52
C ASP A 383 9.63 15.75 -16.70
N SER A 384 9.72 16.98 -16.15
CA SER A 384 8.69 18.00 -15.98
C SER A 384 8.39 18.17 -14.50
N PHE A 385 8.87 17.24 -13.68
CA PHE A 385 8.61 17.26 -12.25
C PHE A 385 9.83 17.76 -11.50
N PRO A 386 9.67 18.73 -10.61
CA PRO A 386 10.84 19.31 -9.93
C PRO A 386 11.63 18.33 -9.09
N TRP A 387 10.99 17.30 -8.54
CA TRP A 387 11.72 16.28 -7.80
C TRP A 387 12.46 15.32 -8.71
N GLU A 388 12.37 15.50 -10.03
CA GLU A 388 13.11 14.67 -10.97
C GLU A 388 14.34 15.35 -11.52
N VAL A 389 14.47 16.67 -11.37
CA VAL A 389 15.70 17.38 -11.73
C VAL A 389 16.61 17.39 -10.52
N PRO A 390 17.76 16.69 -10.57
CA PRO A 390 18.59 16.57 -9.37
C PRO A 390 19.18 17.90 -8.96
N LYS A 391 19.51 17.99 -7.67
CA LYS A 391 20.15 19.17 -7.11
C LYS A 391 21.65 18.93 -6.99
N LYS A 392 22.45 19.85 -7.53
CA LYS A 392 23.90 19.74 -7.41
C LYS A 392 24.32 19.82 -5.96
N LEU A 393 24.83 18.71 -5.42
CA LEU A 393 25.21 18.66 -4.02
C LEU A 393 26.51 19.41 -3.78
N LYS A 394 26.72 19.77 -2.52
CA LYS A 394 27.96 20.40 -2.07
C LYS A 394 28.49 19.61 -0.89
N TYR A 395 29.76 19.21 -0.97
CA TYR A 395 30.40 18.42 0.07
C TYR A 395 31.92 18.49 -0.07
N GLY B 16 28.56 2.95 13.52
CA GLY B 16 27.94 1.96 12.67
C GLY B 16 26.50 1.70 13.01
N THR B 17 25.75 2.76 13.28
CA THR B 17 24.36 2.68 13.71
C THR B 17 23.46 3.38 12.72
N PHE B 18 22.15 3.17 12.88
CA PHE B 18 21.16 3.82 12.03
C PHE B 18 19.81 3.78 12.73
N LEU B 19 18.87 4.56 12.21
CA LEU B 19 17.52 4.66 12.77
C LEU B 19 16.51 4.04 11.81
N PHE B 20 15.37 3.63 12.37
CA PHE B 20 14.27 3.11 11.58
C PHE B 20 12.97 3.37 12.34
N THR B 21 11.90 3.62 11.59
CA THR B 21 10.66 4.08 12.20
C THR B 21 9.47 3.34 11.58
N SER B 22 8.55 2.89 12.44
CA SER B 22 7.32 2.25 12.01
C SER B 22 6.14 2.88 12.75
N GLU B 23 4.95 2.74 12.16
CA GLU B 23 3.74 3.28 12.75
C GLU B 23 2.70 2.17 12.88
N SER B 24 1.66 2.45 13.67
CA SER B 24 0.52 1.56 13.82
C SER B 24 -0.66 2.37 14.31
N VAL B 25 -1.85 1.81 14.14
CA VAL B 25 -3.09 2.50 14.49
C VAL B 25 -3.94 1.59 15.37
N GLY B 26 -4.92 2.21 16.05
CA GLY B 26 -5.84 1.47 16.88
C GLY B 26 -7.12 1.10 16.15
N GLU B 27 -7.96 0.31 16.83
CA GLU B 27 -9.18 -0.20 16.22
C GLU B 27 -10.10 0.91 15.72
N GLY B 28 -9.98 2.10 16.28
CA GLY B 28 -10.84 3.22 15.93
C GLY B 28 -10.35 4.11 14.82
N HIS B 29 -9.19 3.83 14.24
CA HIS B 29 -8.71 4.63 13.12
C HIS B 29 -9.65 4.44 11.93
N PRO B 30 -10.12 5.52 11.30
CA PRO B 30 -11.12 5.37 10.22
C PRO B 30 -10.72 4.39 9.13
N ASP B 31 -9.45 4.41 8.71
CA ASP B 31 -8.99 3.41 7.75
C ASP B 31 -9.03 2.00 8.36
N LYS B 32 -8.62 1.87 9.62
CA LYS B 32 -8.60 0.55 10.24
C LYS B 32 -10.01 0.06 10.57
N ILE B 33 -10.95 0.98 10.76
CA ILE B 33 -12.35 0.59 10.93
C ILE B 33 -12.85 -0.15 9.70
N CYS B 34 -12.47 0.35 8.51
CA CYS B 34 -12.93 -0.27 7.27
C CYS B 34 -12.32 -1.65 7.08
N ASP B 35 -11.04 -1.82 7.43
CA ASP B 35 -10.43 -3.14 7.34
C ASP B 35 -11.20 -4.17 8.16
N GLN B 36 -11.60 -3.79 9.38
CA GLN B 36 -12.35 -4.72 10.23
C GLN B 36 -13.74 -4.97 9.67
N ILE B 37 -14.41 -3.93 9.17
CA ILE B 37 -15.74 -4.12 8.60
C ILE B 37 -15.68 -5.00 7.35
N SER B 38 -14.68 -4.76 6.49
CA SER B 38 -14.56 -5.54 5.26
C SER B 38 -14.32 -7.02 5.58
N ASP B 39 -13.43 -7.30 6.53
CA ASP B 39 -13.15 -8.68 6.92
C ASP B 39 -14.23 -9.28 7.81
N ALA B 40 -15.02 -8.46 8.50
CA ALA B 40 -16.19 -8.98 9.20
C ALA B 40 -17.24 -9.44 8.21
N VAL B 41 -17.47 -8.67 7.15
CA VAL B 41 -18.32 -9.11 6.05
C VAL B 41 -17.81 -10.43 5.49
N LEU B 42 -16.49 -10.52 5.31
CA LEU B 42 -15.89 -11.74 4.77
C LEU B 42 -16.11 -12.92 5.71
N ASP B 43 -15.88 -12.71 7.02
CA ASP B 43 -16.12 -13.76 7.99
C ASP B 43 -17.58 -14.21 7.97
N ALA B 44 -18.51 -13.29 7.75
CA ALA B 44 -19.93 -13.63 7.72
C ALA B 44 -20.24 -14.58 6.58
N HIS B 45 -19.71 -14.31 5.38
CA HIS B 45 -19.97 -15.19 4.24
C HIS B 45 -19.27 -16.53 4.39
N LEU B 46 -18.04 -16.53 4.92
CA LEU B 46 -17.29 -17.77 5.05
C LEU B 46 -17.92 -18.70 6.08
N GLN B 47 -18.66 -18.14 7.05
CA GLN B 47 -19.30 -18.98 8.06
C GLN B 47 -20.41 -19.83 7.46
N GLN B 48 -21.16 -19.28 6.51
CA GLN B 48 -22.20 -20.03 5.82
C GLN B 48 -21.75 -20.64 4.50
N ASP B 49 -20.74 -20.06 3.87
CA ASP B 49 -20.22 -20.56 2.59
C ASP B 49 -18.71 -20.50 2.62
N PRO B 50 -18.04 -21.64 2.86
CA PRO B 50 -16.58 -21.64 2.81
C PRO B 50 -16.02 -21.28 1.45
N ASP B 51 -16.75 -21.61 0.38
CA ASP B 51 -16.32 -21.30 -0.98
C ASP B 51 -16.80 -19.92 -1.45
N ALA B 52 -16.96 -18.98 -0.53
CA ALA B 52 -17.50 -17.67 -0.88
C ALA B 52 -16.41 -16.79 -1.47
N LYS B 53 -16.71 -16.14 -2.59
CA LYS B 53 -15.83 -15.17 -3.21
C LYS B 53 -16.25 -13.78 -2.76
N VAL B 54 -15.38 -13.09 -2.03
CA VAL B 54 -15.70 -11.81 -1.42
C VAL B 54 -14.63 -10.80 -1.81
N ALA B 55 -15.06 -9.63 -2.29
CA ALA B 55 -14.19 -8.50 -2.58
C ALA B 55 -14.94 -7.25 -2.10
N CYS B 56 -14.85 -6.98 -0.80
CA CYS B 56 -15.70 -6.00 -0.14
C CYS B 56 -14.84 -4.84 0.37
N GLU B 57 -15.02 -3.66 -0.22
CA GLU B 57 -14.40 -2.46 0.28
C GLU B 57 -15.37 -1.70 1.19
N THR B 58 -14.81 -0.88 2.08
CA THR B 58 -15.61 -0.13 3.04
C THR B 58 -15.12 1.31 3.07
N VAL B 59 -16.07 2.25 3.06
CA VAL B 59 -15.79 3.68 3.16
C VAL B 59 -16.43 4.20 4.44
N ALA B 60 -15.68 4.97 5.21
CA ALA B 60 -16.14 5.48 6.50
C ALA B 60 -15.92 6.98 6.56
N LYS B 61 -16.99 7.74 6.44
CA LYS B 61 -17.01 9.18 6.68
C LYS B 61 -18.01 9.45 7.80
N THR B 62 -18.18 10.73 8.15
CA THR B 62 -19.01 11.12 9.28
C THR B 62 -20.40 10.50 9.20
N GLY B 63 -20.71 9.66 10.18
CA GLY B 63 -22.02 9.02 10.26
C GLY B 63 -22.37 8.13 9.09
N MET B 64 -21.37 7.66 8.33
CA MET B 64 -21.65 6.85 7.14
C MET B 64 -20.68 5.69 7.04
N ILE B 65 -21.23 4.51 6.76
CA ILE B 65 -20.45 3.33 6.39
C ILE B 65 -21.01 2.80 5.08
N LEU B 66 -20.21 2.84 4.03
CA LEU B 66 -20.61 2.35 2.72
C LEU B 66 -19.90 1.05 2.39
N LEU B 67 -20.66 0.06 1.92
CA LEU B 67 -20.11 -1.20 1.46
C LEU B 67 -20.23 -1.26 -0.07
N ALA B 68 -19.09 -1.15 -0.75
CA ALA B 68 -19.04 -1.28 -2.20
C ALA B 68 -18.13 -2.44 -2.57
N GLY B 69 -18.52 -3.21 -3.57
CA GLY B 69 -17.71 -4.34 -3.97
C GLY B 69 -18.56 -5.40 -4.66
N GLU B 70 -17.99 -6.60 -4.74
CA GLU B 70 -18.57 -7.70 -5.49
C GLU B 70 -18.49 -8.98 -4.67
N ILE B 71 -19.61 -9.71 -4.57
CA ILE B 71 -19.71 -10.90 -3.75
C ILE B 71 -20.59 -11.94 -4.45
N THR B 72 -20.05 -13.13 -4.68
CA THR B 72 -20.83 -14.29 -5.10
C THR B 72 -20.78 -15.33 -4.00
N SER B 73 -21.93 -15.61 -3.39
CA SER B 73 -21.97 -16.46 -2.22
C SER B 73 -23.36 -17.04 -2.06
N ARG B 74 -23.42 -18.25 -1.52
CA ARG B 74 -24.69 -18.87 -1.14
C ARG B 74 -25.22 -18.35 0.19
N ALA B 75 -24.48 -17.45 0.84
CA ALA B 75 -24.81 -17.01 2.19
C ALA B 75 -25.79 -15.84 2.17
N ALA B 76 -26.68 -15.83 3.14
CA ALA B 76 -27.53 -14.68 3.43
C ALA B 76 -26.92 -13.94 4.62
N VAL B 77 -26.53 -12.69 4.40
CA VAL B 77 -25.80 -11.90 5.38
C VAL B 77 -26.60 -10.65 5.70
N ASP B 78 -26.78 -10.37 7.00
CA ASP B 78 -27.42 -9.13 7.45
C ASP B 78 -26.33 -8.08 7.53
N TYR B 79 -26.18 -7.30 6.45
CA TYR B 79 -25.09 -6.32 6.39
C TYR B 79 -25.28 -5.21 7.41
N GLN B 80 -26.52 -4.78 7.64
CA GLN B 80 -26.79 -3.79 8.68
C GLN B 80 -26.33 -4.27 10.04
N LYS B 81 -26.58 -5.56 10.35
CA LYS B 81 -26.17 -6.10 11.63
C LYS B 81 -24.66 -6.24 11.71
N VAL B 82 -24.04 -6.80 10.67
CA VAL B 82 -22.60 -7.07 10.69
C VAL B 82 -21.80 -5.79 10.86
N VAL B 83 -22.18 -4.74 10.12
CA VAL B 83 -21.47 -3.46 10.21
C VAL B 83 -21.55 -2.91 11.63
N ARG B 84 -22.76 -2.81 12.18
CA ARG B 84 -22.94 -2.15 13.46
C ARG B 84 -22.34 -2.96 14.60
N GLU B 85 -22.40 -4.29 14.52
CA GLU B 85 -21.74 -5.12 15.51
C GLU B 85 -20.23 -4.90 15.48
N ALA B 86 -19.68 -4.66 14.29
CA ALA B 86 -18.26 -4.33 14.18
C ALA B 86 -17.96 -2.95 14.76
N VAL B 87 -18.81 -1.97 14.45
CA VAL B 87 -18.63 -0.64 15.01
C VAL B 87 -18.85 -0.66 16.53
N LYS B 88 -19.75 -1.51 17.02
CA LYS B 88 -19.93 -1.64 18.46
C LYS B 88 -18.66 -2.14 19.12
N HIS B 89 -18.08 -3.22 18.61
CA HIS B 89 -16.90 -3.82 19.24
C HIS B 89 -15.71 -2.87 19.23
N ILE B 90 -15.58 -2.03 18.22
CA ILE B 90 -14.50 -1.04 18.19
C ILE B 90 -14.67 -0.04 19.31
N GLY B 91 -15.90 0.38 19.59
CA GLY B 91 -16.16 1.21 20.75
C GLY B 91 -16.88 2.52 20.48
N TYR B 92 -17.30 2.74 19.23
CA TYR B 92 -18.01 3.97 18.88
C TYR B 92 -19.50 3.75 19.10
N ASP B 93 -20.01 4.23 20.23
CA ASP B 93 -21.38 3.93 20.63
C ASP B 93 -22.14 5.15 21.14
N ASP B 94 -21.69 6.37 20.83
CA ASP B 94 -22.40 7.56 21.27
C ASP B 94 -22.01 8.73 20.39
N SER B 95 -22.92 9.71 20.31
CA SER B 95 -22.66 10.92 19.52
C SER B 95 -21.53 11.74 20.12
N SER B 96 -21.30 11.63 21.43
CA SER B 96 -20.23 12.38 22.07
C SER B 96 -18.85 11.90 21.65
N LYS B 97 -18.77 10.76 20.96
CA LYS B 97 -17.50 10.22 20.48
C LYS B 97 -17.30 10.43 18.99
N GLY B 98 -18.29 10.96 18.29
CA GLY B 98 -18.20 11.23 16.87
C GLY B 98 -18.85 10.19 15.98
N PHE B 99 -19.23 9.04 16.54
CA PHE B 99 -19.76 7.94 15.73
C PHE B 99 -20.49 6.97 16.64
N ASP B 100 -21.68 6.53 16.21
CA ASP B 100 -22.53 5.66 17.00
C ASP B 100 -23.01 4.52 16.11
N TYR B 101 -22.70 3.28 16.51
CA TYR B 101 -23.18 2.12 15.76
C TYR B 101 -24.70 2.03 15.75
N LYS B 102 -25.38 2.67 16.71
CA LYS B 102 -26.83 2.59 16.79
C LYS B 102 -27.52 3.48 15.77
N THR B 103 -26.91 4.62 15.41
CA THR B 103 -27.59 5.63 14.61
C THR B 103 -26.82 6.05 13.37
N CYS B 104 -25.79 5.30 12.95
CA CYS B 104 -25.06 5.68 11.76
C CYS B 104 -25.76 5.19 10.49
N ASN B 105 -25.40 5.79 9.36
CA ASN B 105 -25.95 5.41 8.07
C ASN B 105 -25.12 4.29 7.48
N VAL B 106 -25.81 3.24 6.99
CA VAL B 106 -25.16 2.09 6.38
C VAL B 106 -25.72 1.94 4.98
N LEU B 107 -24.84 2.06 3.98
CA LEU B 107 -25.21 1.94 2.58
C LEU B 107 -24.52 0.72 1.98
N VAL B 108 -25.27 -0.06 1.20
CA VAL B 108 -24.76 -1.29 0.61
C VAL B 108 -24.85 -1.16 -0.90
N ALA B 109 -23.69 -1.19 -1.56
CA ALA B 109 -23.61 -1.20 -3.02
C ALA B 109 -22.79 -2.42 -3.46
N LEU B 110 -23.24 -3.59 -3.04
CA LEU B 110 -22.56 -4.84 -3.33
C LEU B 110 -23.29 -5.57 -4.45
N GLU B 111 -22.53 -6.04 -5.44
CA GLU B 111 -23.09 -6.78 -6.55
C GLU B 111 -22.52 -8.19 -6.55
N GLN B 112 -22.59 -8.89 -7.66
CA GLN B 112 -21.90 -10.17 -7.78
C GLN B 112 -20.48 -9.96 -8.29
N GLN B 113 -19.65 -10.98 -8.12
CA GLN B 113 -18.32 -10.97 -8.73
C GLN B 113 -18.47 -10.73 -10.22
N SER B 114 -17.65 -9.82 -10.76
CA SER B 114 -17.78 -9.42 -12.15
C SER B 114 -17.79 -10.63 -13.07
N PRO B 115 -18.76 -10.77 -13.97
CA PRO B 115 -18.86 -12.00 -14.79
C PRO B 115 -17.61 -12.26 -15.63
N ASP B 116 -16.83 -11.25 -15.96
CA ASP B 116 -15.57 -11.47 -16.66
C ASP B 116 -14.49 -12.02 -15.72
N ILE B 117 -14.49 -11.60 -14.46
CA ILE B 117 -13.49 -12.06 -13.51
C ILE B 117 -13.77 -13.48 -13.02
N ALA B 118 -15.02 -13.95 -13.10
CA ALA B 118 -15.36 -15.25 -12.54
C ALA B 118 -14.96 -16.42 -13.44
N GLN B 119 -14.95 -16.23 -14.76
CA GLN B 119 -14.74 -17.36 -15.67
C GLN B 119 -13.26 -17.73 -15.81
N GLY B 120 -12.38 -16.75 -15.84
CA GLY B 120 -10.96 -17.00 -15.99
C GLY B 120 -10.19 -17.20 -14.70
N VAL B 121 -10.86 -17.29 -13.55
N VAL B 121 -10.87 -17.30 -13.55
CA VAL B 121 -10.20 -17.56 -12.29
CA VAL B 121 -10.20 -17.39 -12.27
C VAL B 121 -10.75 -18.84 -11.68
C VAL B 121 -10.62 -18.63 -11.49
N HIS B 122 -12.02 -18.83 -11.29
N HIS B 122 -11.91 -18.96 -11.48
CA HIS B 122 -12.67 -19.99 -10.71
CA HIS B 122 -12.37 -20.04 -10.62
C HIS B 122 -13.70 -20.55 -11.72
C HIS B 122 -13.54 -20.85 -11.17
N LEU B 123 -14.80 -21.12 -11.21
N LEU B 123 -14.33 -20.28 -12.09
CA LEU B 123 -15.80 -21.81 -12.04
CA LEU B 123 -15.54 -20.96 -12.55
C LEU B 123 -15.20 -23.01 -12.77
C LEU B 123 -15.19 -22.26 -13.25
N ASP B 124 -15.42 -24.21 -12.22
N ASP B 124 -15.72 -23.36 -12.73
CA ASP B 124 -15.03 -25.48 -12.84
CA ASP B 124 -15.55 -24.70 -13.30
C ASP B 124 -13.52 -25.68 -12.84
C ASP B 124 -14.06 -25.09 -13.36
N ARG B 125 -12.87 -25.42 -11.71
N ARG B 125 -13.39 -24.98 -12.21
CA ARG B 125 -11.47 -25.73 -11.49
CA ARG B 125 -11.98 -25.31 -12.11
C ARG B 125 -11.36 -26.81 -10.40
C ARG B 125 -11.72 -26.24 -10.94
N ASN B 126 -10.16 -27.40 -10.28
N ASN B 126 -10.74 -27.12 -11.14
CA ASN B 126 -9.94 -28.51 -9.36
CA ASN B 126 -10.29 -28.01 -10.07
C ASN B 126 -9.10 -28.11 -8.15
C ASN B 126 -9.68 -27.19 -8.93
N GLU B 127 -9.37 -26.93 -7.60
N GLU B 127 -9.86 -27.69 -7.70
CA GLU B 127 -8.75 -26.45 -6.36
CA GLU B 127 -9.48 -26.91 -6.52
C GLU B 127 -7.24 -26.58 -6.33
C GLU B 127 -7.97 -26.85 -6.35
N GLU B 128 -6.73 -27.77 -6.01
N GLU B 128 -7.28 -27.99 -6.44
CA GLU B 128 -5.30 -27.95 -5.77
CA GLU B 128 -5.85 -28.02 -6.12
C GLU B 128 -4.45 -27.61 -6.98
C GLU B 128 -5.05 -27.13 -7.06
N ASP B 129 -4.98 -27.79 -8.18
N ASP B 129 -5.45 -27.02 -8.32
CA ASP B 129 -4.24 -27.56 -9.41
CA ASP B 129 -4.85 -26.08 -9.26
C ASP B 129 -4.66 -26.28 -10.13
C ASP B 129 -5.90 -25.01 -9.55
N ILE B 130 -5.15 -25.29 -9.38
N ILE B 130 -6.04 -24.08 -8.61
CA ILE B 130 -5.35 -23.96 -9.95
CA ILE B 130 -7.02 -22.99 -8.72
C ILE B 130 -4.00 -23.25 -9.98
C ILE B 130 -6.34 -21.81 -9.40
N GLY B 131 -3.70 -22.60 -11.09
N GLY B 131 -7.13 -20.82 -9.80
CA GLY B 131 -2.42 -21.96 -11.25
CA GLY B 131 -6.60 -19.64 -10.45
C GLY B 131 -2.40 -20.54 -10.71
C GLY B 131 -6.04 -18.63 -9.48
N ALA B 132 -2.87 -19.61 -11.53
N ALA B 132 -5.95 -17.39 -9.94
CA ALA B 132 -3.05 -18.22 -11.17
CA ALA B 132 -5.45 -16.29 -9.14
C ALA B 132 -3.74 -17.52 -12.32
C ALA B 132 -6.42 -15.13 -9.27
N GLY B 133 -4.59 -16.54 -11.99
N GLY B 133 -6.91 -14.63 -8.14
CA GLY B 133 -5.05 -15.56 -12.94
CA GLY B 133 -7.87 -13.54 -8.18
C GLY B 133 -4.22 -14.29 -12.93
C GLY B 133 -7.30 -12.28 -8.82
N ASP B 134 -3.08 -14.30 -12.23
N ASP B 134 -6.10 -11.89 -8.39
CA ASP B 134 -2.31 -13.08 -11.97
CA ASP B 134 -5.47 -10.68 -8.92
C ASP B 134 -0.83 -13.43 -11.97
C ASP B 134 -3.96 -10.88 -8.98
N GLN B 135 -0.01 -12.51 -11.46
N GLN B 135 -3.37 -10.50 -10.11
CA GLN B 135 1.44 -12.69 -11.56
CA GLN B 135 -1.93 -10.55 -10.24
C GLN B 135 2.06 -13.11 -10.22
C GLN B 135 -1.28 -9.51 -9.33
N GLY B 136 3.33 -12.80 -10.02
N GLY B 136 -0.12 -9.87 -8.77
CA GLY B 136 4.09 -13.35 -8.92
CA GLY B 136 0.58 -8.97 -7.89
C GLY B 136 4.21 -12.46 -7.69
C GLY B 136 1.98 -9.48 -7.61
N LEU B 137 4.98 -11.37 -7.82
N LEU B 137 2.60 -8.87 -6.61
CA LEU B 137 5.28 -10.44 -6.74
CA LEU B 137 3.95 -9.22 -6.19
C LEU B 137 5.39 -11.15 -5.39
C LEU B 137 3.90 -9.77 -4.77
N MET B 138 4.66 -10.65 -4.38
N MET B 138 4.68 -10.82 -4.52
CA MET B 138 4.50 -11.30 -3.08
CA MET B 138 4.63 -11.53 -3.25
C MET B 138 5.81 -11.48 -2.32
C MET B 138 5.95 -11.41 -2.51
N PHE B 139 5.96 -10.72 -1.24
N PHE B 139 5.88 -11.03 -1.24
CA PHE B 139 7.15 -10.76 -0.40
CA PHE B 139 7.05 -10.81 -0.40
C PHE B 139 6.82 -11.29 1.00
C PHE B 139 6.79 -11.34 1.01
N GLY B 140 7.85 -11.79 1.66
CA GLY B 140 7.74 -12.29 3.02
C GLY B 140 9.03 -12.05 3.79
N TYR B 141 8.92 -11.56 5.02
CA TYR B 141 10.06 -11.08 5.78
C TYR B 141 10.04 -11.65 7.19
N ALA B 142 11.23 -11.81 7.77
CA ALA B 142 11.37 -12.30 9.13
C ALA B 142 12.71 -11.85 9.69
N THR B 143 12.75 -11.64 11.01
CA THR B 143 13.95 -11.15 11.68
C THR B 143 13.95 -11.64 13.11
N ASP B 144 15.14 -11.94 13.63
CA ASP B 144 15.29 -12.50 14.97
C ASP B 144 15.44 -11.43 16.05
N GLU B 145 15.18 -10.17 15.72
CA GLU B 145 15.34 -9.11 16.72
C GLU B 145 14.27 -9.18 17.81
N THR B 146 13.14 -9.83 17.54
CA THR B 146 12.11 -10.07 18.53
C THR B 146 11.70 -11.53 18.47
N GLU B 147 11.16 -12.03 19.59
CA GLU B 147 10.68 -13.41 19.60
C GLU B 147 9.45 -13.59 18.71
N GLU B 148 8.72 -12.51 18.43
CA GLU B 148 7.67 -12.56 17.43
C GLU B 148 8.21 -12.69 16.01
N CYS B 149 9.53 -12.68 15.85
CA CYS B 149 10.17 -12.75 14.54
C CYS B 149 9.77 -11.57 13.64
N MET B 150 9.54 -10.42 14.24
CA MET B 150 9.12 -9.21 13.55
C MET B 150 10.01 -8.05 13.98
N PRO B 151 10.03 -6.97 13.18
CA PRO B 151 10.82 -5.80 13.59
C PRO B 151 10.31 -5.19 14.89
N LEU B 152 11.26 -4.80 15.74
CA LEU B 152 10.90 -4.23 17.03
C LEU B 152 10.12 -2.93 16.87
N THR B 153 10.37 -2.18 15.79
CA THR B 153 9.69 -0.90 15.60
C THR B 153 8.18 -1.07 15.54
N ILE B 154 7.71 -2.04 14.75
CA ILE B 154 6.28 -2.19 14.57
C ILE B 154 5.65 -3.09 15.65
N VAL B 155 6.41 -4.03 16.22
CA VAL B 155 5.90 -4.82 17.33
C VAL B 155 5.51 -3.92 18.49
N LEU B 156 6.37 -2.97 18.81
CA LEU B 156 6.04 -2.00 19.85
C LEU B 156 4.91 -1.09 19.43
N ALA B 157 4.92 -0.62 18.18
CA ALA B 157 3.85 0.24 17.70
C ALA B 157 2.49 -0.43 17.79
N HIS B 158 2.42 -1.72 17.43
CA HIS B 158 1.17 -2.44 17.57
C HIS B 158 0.77 -2.59 19.03
N LYS B 159 1.72 -2.93 19.90
CA LYS B 159 1.41 -3.22 21.29
C LYS B 159 0.96 -1.97 22.05
N LEU B 160 1.44 -0.79 21.63
CA LEU B 160 1.01 0.44 22.29
C LEU B 160 -0.47 0.71 22.06
N ASN B 161 -0.91 0.61 20.79
CA ASN B 161 -2.33 0.79 20.49
C ASN B 161 -3.19 -0.25 21.19
N ALA B 162 -2.67 -1.46 21.38
CA ALA B 162 -3.46 -2.50 22.03
C ALA B 162 -3.59 -2.26 23.52
N LYS B 163 -2.52 -1.77 24.17
CA LYS B 163 -2.62 -1.40 25.57
C LYS B 163 -3.62 -0.26 25.76
N LEU B 164 -3.65 0.68 24.82
CA LEU B 164 -4.63 1.77 24.90
C LEU B 164 -6.06 1.23 24.88
N ALA B 165 -6.37 0.36 23.91
CA ALA B 165 -7.70 -0.22 23.85
C ALA B 165 -7.97 -1.14 25.03
N GLU B 166 -6.92 -1.75 25.59
CA GLU B 166 -7.08 -2.58 26.78
C GLU B 166 -7.49 -1.74 27.98
N LEU B 167 -6.83 -0.60 28.18
CA LEU B 167 -7.15 0.28 29.30
C LEU B 167 -8.43 1.08 29.08
N ARG B 168 -8.85 1.25 27.83
CA ARG B 168 -10.10 1.95 27.57
C ARG B 168 -11.33 1.09 27.87
N ARG B 169 -11.23 -0.22 27.67
CA ARG B 169 -12.39 -1.08 27.85
C ARG B 169 -12.64 -1.44 29.31
N ASN B 170 -11.57 -1.65 30.09
CA ASN B 170 -11.74 -2.02 31.49
C ASN B 170 -11.95 -0.83 32.41
N GLY B 171 -11.94 0.39 31.88
CA GLY B 171 -12.18 1.57 32.67
C GLY B 171 -10.99 2.11 33.42
N THR B 172 -9.79 1.62 33.15
CA THR B 172 -8.59 2.18 33.79
C THR B 172 -8.37 3.62 33.34
N LEU B 173 -8.67 3.92 32.08
CA LEU B 173 -8.55 5.27 31.52
C LEU B 173 -9.84 5.56 30.77
N PRO B 174 -10.93 5.85 31.49
CA PRO B 174 -12.23 6.04 30.82
C PRO B 174 -12.27 7.21 29.85
N TRP B 175 -11.32 8.13 29.93
CA TRP B 175 -11.28 9.26 29.01
C TRP B 175 -10.75 8.89 27.63
N LEU B 176 -10.31 7.64 27.43
CA LEU B 176 -9.80 7.23 26.14
C LEU B 176 -10.94 7.06 25.14
N ARG B 177 -10.58 7.12 23.86
CA ARG B 177 -11.51 6.94 22.76
C ARG B 177 -10.82 6.10 21.69
N PRO B 178 -11.59 5.48 20.80
CA PRO B 178 -11.00 4.41 19.96
C PRO B 178 -9.91 4.86 19.01
N ASP B 179 -10.00 6.06 18.43
CA ASP B 179 -9.05 6.47 17.41
C ASP B 179 -7.68 6.77 18.02
N SER B 180 -6.64 6.15 17.48
CA SER B 180 -5.29 6.32 18.02
C SER B 180 -4.26 5.99 16.94
N LYS B 181 -3.11 6.65 17.03
CA LYS B 181 -1.98 6.38 16.15
C LYS B 181 -0.69 6.42 16.96
N THR B 182 0.24 5.54 16.61
CA THR B 182 1.53 5.44 17.29
C THR B 182 2.65 5.42 16.26
N GLN B 183 3.87 5.66 16.73
CA GLN B 183 5.05 5.63 15.88
C GLN B 183 6.27 5.42 16.76
N VAL B 184 7.14 4.48 16.36
CA VAL B 184 8.28 4.08 17.16
C VAL B 184 9.54 4.13 16.29
N THR B 185 10.55 4.83 16.76
CA THR B 185 11.85 4.90 16.10
C THR B 185 12.89 4.21 16.98
N VAL B 186 13.57 3.22 16.41
CA VAL B 186 14.56 2.42 17.13
C VAL B 186 15.93 2.66 16.53
N GLN B 187 16.92 2.86 17.40
CA GLN B 187 18.30 2.93 16.95
C GLN B 187 18.85 1.51 16.83
N TYR B 188 19.39 1.18 15.66
CA TYR B 188 19.90 -0.14 15.38
C TYR B 188 21.40 -0.10 15.17
N MET B 189 22.00 -1.30 15.14
CA MET B 189 23.39 -1.48 14.81
C MET B 189 23.51 -2.71 13.92
N GLN B 190 24.17 -2.56 12.78
CA GLN B 190 24.32 -3.67 11.86
C GLN B 190 25.25 -4.74 12.44
N ASP B 191 24.93 -6.00 12.12
CA ASP B 191 25.68 -7.15 12.66
C ASP B 191 25.66 -8.24 11.59
N ARG B 192 26.53 -8.08 10.60
CA ARG B 192 26.66 -9.01 9.47
C ARG B 192 25.30 -9.28 8.83
N GLY B 193 24.67 -8.21 8.35
CA GLY B 193 23.34 -8.25 7.77
C GLY B 193 22.21 -8.20 8.77
N ALA B 194 22.39 -8.85 9.93
CA ALA B 194 21.39 -8.79 10.98
C ALA B 194 21.41 -7.42 11.65
N VAL B 195 20.28 -7.08 12.28
CA VAL B 195 20.12 -5.80 12.94
C VAL B 195 19.91 -6.05 14.43
N LEU B 196 20.64 -5.31 15.25
CA LEU B 196 20.53 -5.43 16.70
C LEU B 196 19.90 -4.17 17.26
N PRO B 197 18.67 -4.22 17.78
CA PRO B 197 18.11 -3.05 18.46
C PRO B 197 18.84 -2.80 19.77
N ILE B 198 19.23 -1.55 20.00
CA ILE B 198 19.98 -1.17 21.18
C ILE B 198 19.18 -0.28 22.12
N ARG B 199 18.34 0.61 21.58
CA ARG B 199 17.54 1.49 22.41
C ARG B 199 16.42 2.09 21.58
N VAL B 200 15.42 2.63 22.27
CA VAL B 200 14.29 3.30 21.63
C VAL B 200 14.62 4.78 21.51
N HIS B 201 14.59 5.30 20.28
CA HIS B 201 14.98 6.68 20.00
C HIS B 201 13.83 7.66 20.20
N THR B 202 12.68 7.39 19.59
CA THR B 202 11.57 8.34 19.59
C THR B 202 10.25 7.59 19.59
N ILE B 203 9.32 8.04 20.42
CA ILE B 203 7.98 7.46 20.53
C ILE B 203 6.95 8.56 20.29
N VAL B 204 5.95 8.26 19.46
CA VAL B 204 4.85 9.18 19.17
C VAL B 204 3.54 8.49 19.52
N ILE B 205 2.67 9.18 20.24
CA ILE B 205 1.36 8.66 20.61
C ILE B 205 0.34 9.78 20.47
N SER B 206 -0.70 9.52 19.67
CA SER B 206 -1.82 10.45 19.52
C SER B 206 -3.11 9.65 19.63
N VAL B 207 -3.92 9.94 20.65
CA VAL B 207 -5.13 9.17 20.94
C VAL B 207 -6.29 10.12 21.16
N GLN B 208 -7.44 9.76 20.57
CA GLN B 208 -8.66 10.52 20.79
C GLN B 208 -9.07 10.44 22.26
N HIS B 209 -9.51 11.56 22.82
CA HIS B 209 -9.70 11.65 24.26
C HIS B 209 -11.00 12.35 24.60
N ASP B 210 -11.32 12.31 25.89
CA ASP B 210 -12.49 12.96 26.47
C ASP B 210 -12.37 14.46 26.35
N GLU B 211 -13.48 15.15 26.63
CA GLU B 211 -13.46 16.60 26.75
C GLU B 211 -13.03 17.07 28.14
N GLU B 212 -12.94 16.15 29.10
CA GLU B 212 -12.70 16.48 30.50
C GLU B 212 -11.22 16.47 30.85
N VAL B 213 -10.53 15.37 30.53
CA VAL B 213 -9.14 15.20 30.96
C VAL B 213 -8.28 16.32 30.38
N CYS B 214 -7.30 16.76 31.16
CA CYS B 214 -6.37 17.80 30.73
C CYS B 214 -5.17 17.18 30.02
N LEU B 215 -4.42 18.05 29.33
CA LEU B 215 -3.26 17.60 28.56
C LEU B 215 -2.14 17.07 29.45
N ASP B 216 -2.12 17.45 30.72
CA ASP B 216 -1.08 16.97 31.63
C ASP B 216 -1.36 15.53 32.07
N GLU B 217 -2.60 15.24 32.46
CA GLU B 217 -2.94 13.90 32.94
C GLU B 217 -2.81 12.86 31.85
N MET B 218 -3.11 13.22 30.60
CA MET B 218 -2.98 12.28 29.50
C MET B 218 -1.54 11.86 29.28
N ARG B 219 -0.63 12.85 29.13
CA ARG B 219 0.76 12.54 28.85
C ARG B 219 1.40 11.76 29.98
N ASP B 220 1.01 12.03 31.23
CA ASP B 220 1.52 11.24 32.34
C ASP B 220 1.03 9.80 32.26
N ALA B 221 -0.24 9.60 31.92
CA ALA B 221 -0.77 8.25 31.82
C ALA B 221 -0.19 7.51 30.61
N LEU B 222 0.02 8.21 29.50
CA LEU B 222 0.56 7.55 28.31
C LEU B 222 1.98 7.07 28.52
N LYS B 223 2.75 7.74 29.37
CA LYS B 223 4.12 7.35 29.63
C LYS B 223 4.24 6.27 30.71
N GLU B 224 3.45 6.37 31.77
CA GLU B 224 3.59 5.49 32.92
C GLU B 224 2.72 4.23 32.84
N LYS B 225 1.49 4.36 32.33
CA LYS B 225 0.57 3.23 32.26
C LYS B 225 0.56 2.54 30.90
N VAL B 226 1.08 3.18 29.86
CA VAL B 226 1.08 2.62 28.51
C VAL B 226 2.51 2.31 28.05
N ILE B 227 3.36 3.33 27.92
CA ILE B 227 4.69 3.14 27.36
C ILE B 227 5.53 2.25 28.27
N LYS B 228 5.63 2.61 29.55
CA LYS B 228 6.44 1.84 30.47
C LYS B 228 5.85 0.47 30.79
N ALA B 229 4.60 0.22 30.39
CA ALA B 229 3.98 -1.08 30.55
C ALA B 229 4.12 -1.97 29.31
N VAL B 230 4.51 -1.39 28.17
CA VAL B 230 4.65 -2.12 26.92
C VAL B 230 6.11 -2.28 26.52
N VAL B 231 6.89 -1.21 26.63
CA VAL B 231 8.29 -1.21 26.20
C VAL B 231 9.16 -1.79 27.31
N PRO B 232 10.03 -2.76 27.00
CA PRO B 232 11.00 -3.22 27.99
C PRO B 232 11.89 -2.08 28.44
N ALA B 233 12.11 -1.99 29.75
CA ALA B 233 12.85 -0.88 30.32
C ALA B 233 14.29 -0.83 29.81
N LYS B 234 14.83 -1.94 29.34
CA LYS B 234 16.20 -1.95 28.85
C LYS B 234 16.36 -1.14 27.57
N TYR B 235 15.27 -0.87 26.87
CA TYR B 235 15.31 -0.09 25.64
C TYR B 235 15.00 1.40 25.87
N LEU B 236 14.67 1.79 27.10
CA LEU B 236 14.30 3.16 27.41
C LEU B 236 15.34 3.78 28.33
N ASP B 237 15.77 5.00 28.01
CA ASP B 237 16.75 5.71 28.82
C ASP B 237 16.31 7.15 28.96
N GLU B 238 17.18 7.98 29.54
CA GLU B 238 16.88 9.38 29.78
C GLU B 238 16.89 10.22 28.51
N ASP B 239 17.43 9.69 27.42
CA ASP B 239 17.47 10.42 26.15
C ASP B 239 16.35 10.04 25.20
N THR B 240 15.44 9.17 25.62
CA THR B 240 14.33 8.78 24.75
C THR B 240 13.39 9.96 24.55
N ILE B 241 12.99 10.19 23.30
CA ILE B 241 12.18 11.33 22.90
C ILE B 241 10.72 10.92 22.87
N TYR B 242 9.87 11.71 23.54
CA TYR B 242 8.44 11.42 23.66
C TYR B 242 7.64 12.55 23.05
N HIS B 243 6.89 12.24 21.99
CA HIS B 243 5.91 13.14 21.40
C HIS B 243 4.54 12.60 21.77
N LEU B 244 4.09 12.94 22.98
CA LEU B 244 2.83 12.46 23.50
C LEU B 244 1.77 13.54 23.32
N GLN B 245 0.70 13.21 22.60
CA GLN B 245 -0.33 14.17 22.20
C GLN B 245 0.31 15.42 21.58
N PRO B 246 1.10 15.27 20.52
CA PRO B 246 1.79 16.44 19.95
C PRO B 246 0.86 17.40 19.24
N SER B 247 -0.30 16.93 18.78
CA SER B 247 -1.28 17.82 18.16
C SER B 247 -2.00 18.69 19.18
N GLY B 248 -1.94 18.32 20.46
CA GLY B 248 -2.57 19.10 21.51
C GLY B 248 -3.98 18.65 21.86
N ARG B 249 -4.92 18.93 20.97
CA ARG B 249 -6.31 18.54 21.14
C ARG B 249 -6.64 17.38 20.21
N PHE B 250 -7.48 16.47 20.70
CA PHE B 250 -7.86 15.30 19.93
C PHE B 250 -9.19 14.76 20.45
N VAL B 251 -10.22 15.60 20.48
CA VAL B 251 -11.55 15.13 20.83
C VAL B 251 -12.34 14.71 19.59
N ILE B 252 -12.00 15.25 18.43
CA ILE B 252 -12.63 14.87 17.17
C ILE B 252 -11.79 13.77 16.54
N GLY B 253 -12.40 12.61 16.33
CA GLY B 253 -11.69 11.49 15.74
C GLY B 253 -12.61 10.58 14.95
N GLY B 254 -12.13 9.38 14.63
CA GLY B 254 -12.90 8.43 13.87
C GLY B 254 -13.21 8.93 12.48
N PRO B 255 -14.22 8.34 11.83
CA PRO B 255 -14.57 8.78 10.47
C PRO B 255 -14.96 10.24 10.35
N GLN B 256 -15.08 10.97 11.47
CA GLN B 256 -15.37 12.39 11.40
C GLN B 256 -14.13 13.20 11.05
N GLY B 257 -12.97 12.81 11.61
CA GLY B 257 -11.75 13.58 11.39
C GLY B 257 -11.06 13.28 10.08
N ASP B 258 -11.27 12.09 9.53
CA ASP B 258 -10.61 11.69 8.28
C ASP B 258 -11.45 10.61 7.62
N ALA B 259 -11.59 10.71 6.30
CA ALA B 259 -12.26 9.67 5.55
C ALA B 259 -11.47 8.37 5.63
N GLY B 260 -12.18 7.26 5.80
CA GLY B 260 -11.56 5.96 5.99
C GLY B 260 -11.85 5.04 4.83
N LEU B 261 -10.85 4.26 4.43
CA LEU B 261 -10.96 3.37 3.29
C LEU B 261 -10.28 2.05 3.61
N THR B 262 -10.85 0.96 3.10
CA THR B 262 -10.24 -0.36 3.25
C THR B 262 -8.91 -0.41 2.51
N GLY B 263 -7.88 -0.92 3.17
CA GLY B 263 -6.60 -1.08 2.53
C GLY B 263 -5.84 0.21 2.33
N ARG B 264 -5.77 1.03 3.36
CA ARG B 264 -4.96 2.25 3.35
C ARG B 264 -3.90 2.22 4.44
N LYS B 265 -3.71 1.07 5.09
CA LYS B 265 -2.68 0.86 6.11
C LYS B 265 -1.95 -0.45 5.85
N ILE B 266 -1.61 -0.71 4.58
CA ILE B 266 -1.01 -1.99 4.22
C ILE B 266 0.40 -2.14 4.77
N ILE B 267 1.09 -1.03 5.05
CA ILE B 267 2.41 -1.12 5.68
C ILE B 267 2.26 -1.39 7.17
N VAL B 268 1.22 -0.83 7.80
CA VAL B 268 0.88 -1.21 9.16
C VAL B 268 0.46 -2.68 9.21
N ASP B 269 -0.24 -3.14 8.17
CA ASP B 269 -0.70 -4.51 8.11
C ASP B 269 0.43 -5.53 8.00
N THR B 270 1.60 -5.12 7.49
CA THR B 270 2.65 -6.06 7.16
C THR B 270 3.85 -5.80 8.06
N TYR B 271 4.89 -5.12 7.57
CA TYR B 271 6.17 -5.08 8.25
C TYR B 271 6.61 -3.67 8.63
N GLY B 272 5.75 -2.68 8.48
CA GLY B 272 6.05 -1.34 8.96
C GLY B 272 7.26 -0.71 8.31
N GLY B 273 7.51 -1.01 7.03
CA GLY B 273 8.60 -0.42 6.28
C GLY B 273 9.71 -1.40 5.95
N TRP B 274 9.95 -2.37 6.82
CA TRP B 274 10.96 -3.39 6.55
C TRP B 274 10.51 -4.29 5.41
N GLY B 275 11.48 -4.98 4.81
CA GLY B 275 11.16 -5.88 3.73
C GLY B 275 10.71 -5.12 2.49
N ALA B 276 9.64 -5.61 1.87
CA ALA B 276 9.09 -4.98 0.67
C ALA B 276 7.63 -5.39 0.53
N HIS B 277 6.91 -4.67 -0.31
CA HIS B 277 5.48 -4.89 -0.48
C HIS B 277 5.13 -4.84 -1.97
N GLY B 278 4.20 -5.70 -2.38
CA GLY B 278 3.77 -5.77 -3.76
C GLY B 278 2.67 -4.78 -4.10
N GLY B 279 1.81 -4.48 -3.13
CA GLY B 279 0.78 -3.48 -3.32
C GLY B 279 -0.60 -3.87 -2.86
N GLY B 280 -0.93 -5.16 -2.93
CA GLY B 280 -2.28 -5.59 -2.64
C GLY B 280 -2.63 -5.48 -1.17
N ALA B 281 -3.85 -5.07 -0.90
CA ALA B 281 -4.38 -5.00 0.46
C ALA B 281 -5.04 -6.33 0.82
N PHE B 282 -5.13 -6.59 2.12
CA PHE B 282 -5.62 -7.88 2.59
C PHE B 282 -7.12 -7.90 2.84
N SER B 283 -7.64 -6.90 3.54
CA SER B 283 -8.98 -6.96 4.10
C SER B 283 -10.05 -6.93 3.02
N GLY B 284 -11.07 -7.78 3.17
CA GLY B 284 -12.17 -7.84 2.25
C GLY B 284 -12.04 -8.87 1.16
N LYS B 285 -10.92 -9.59 1.09
CA LYS B 285 -10.65 -10.55 0.04
C LYS B 285 -10.60 -11.96 0.64
N ASP B 286 -11.27 -12.91 -0.01
CA ASP B 286 -11.24 -14.29 0.44
C ASP B 286 -9.91 -14.92 0.07
N TYR B 287 -9.79 -16.24 0.28
CA TYR B 287 -8.51 -16.91 0.11
C TYR B 287 -8.07 -17.02 -1.35
N THR B 288 -9.01 -16.97 -2.30
CA THR B 288 -8.63 -17.12 -3.71
C THR B 288 -7.89 -15.91 -4.26
N LYS B 289 -7.89 -14.78 -3.55
CA LYS B 289 -7.06 -13.65 -3.92
C LYS B 289 -5.62 -13.95 -3.51
N VAL B 290 -4.78 -14.28 -4.48
CA VAL B 290 -3.38 -14.60 -4.23
C VAL B 290 -2.63 -13.44 -3.59
N ASP B 291 -3.21 -12.24 -3.59
CA ASP B 291 -2.60 -11.12 -2.89
C ASP B 291 -2.50 -11.37 -1.39
N ARG B 292 -3.46 -12.10 -0.82
CA ARG B 292 -3.49 -12.35 0.62
C ARG B 292 -2.92 -13.71 0.99
N SER B 293 -3.33 -14.78 0.29
CA SER B 293 -2.93 -16.12 0.68
C SER B 293 -1.42 -16.31 0.54
N ALA B 294 -0.85 -15.86 -0.58
CA ALA B 294 0.58 -16.04 -0.79
C ALA B 294 1.40 -15.10 0.10
N ALA B 295 0.87 -13.92 0.41
CA ALA B 295 1.56 -13.04 1.35
C ALA B 295 1.66 -13.68 2.73
N TYR B 296 0.57 -14.32 3.19
CA TYR B 296 0.62 -15.06 4.44
C TYR B 296 1.60 -16.23 4.35
N ALA B 297 1.68 -16.86 3.17
CA ALA B 297 2.55 -18.03 3.03
C ALA B 297 4.01 -17.64 2.99
N ALA B 298 4.34 -16.50 2.35
CA ALA B 298 5.72 -16.05 2.33
C ALA B 298 6.22 -15.73 3.73
N ARG B 299 5.36 -15.12 4.55
CA ARG B 299 5.70 -14.90 5.95
C ARG B 299 5.87 -16.23 6.68
N TRP B 300 5.01 -17.20 6.38
CA TRP B 300 5.13 -18.53 6.97
C TRP B 300 6.50 -19.13 6.68
N VAL B 301 6.91 -19.08 5.42
CA VAL B 301 8.23 -19.60 5.04
C VAL B 301 9.34 -18.77 5.69
N ALA B 302 9.21 -17.45 5.63
CA ALA B 302 10.23 -16.56 6.19
C ALA B 302 10.44 -16.85 7.66
N LYS B 303 9.35 -16.95 8.42
CA LYS B 303 9.47 -17.24 9.85
C LYS B 303 10.03 -18.63 10.09
N SER B 304 9.68 -19.60 9.22
CA SER B 304 10.19 -20.95 9.39
C SER B 304 11.70 -20.98 9.25
N LEU B 305 12.26 -20.17 8.36
CA LEU B 305 13.70 -20.18 8.14
C LEU B 305 14.45 -19.61 9.35
N VAL B 306 13.98 -18.48 9.87
CA VAL B 306 14.67 -17.84 10.98
C VAL B 306 14.55 -18.68 12.25
N LYS B 307 13.33 -19.10 12.58
CA LYS B 307 13.13 -19.94 13.75
C LYS B 307 13.76 -21.31 13.58
N GLY B 308 14.00 -21.75 12.34
CA GLY B 308 14.73 -22.98 12.12
C GLY B 308 16.23 -22.88 12.35
N GLY B 309 16.73 -21.67 12.59
CA GLY B 309 18.15 -21.44 12.75
C GLY B 309 18.92 -21.33 11.45
N LEU B 310 18.23 -21.30 10.31
CA LEU B 310 18.89 -21.24 9.00
C LEU B 310 19.27 -19.83 8.59
N CYS B 311 18.85 -18.81 9.35
CA CYS B 311 19.24 -17.43 9.11
C CYS B 311 18.69 -16.57 10.24
N ARG B 312 19.29 -15.38 10.40
CA ARG B 312 18.81 -14.41 11.38
C ARG B 312 17.90 -13.37 10.79
N ARG B 313 18.07 -13.05 9.51
CA ARG B 313 17.16 -12.19 8.76
C ARG B 313 16.99 -12.79 7.38
N VAL B 314 15.80 -12.63 6.80
CA VAL B 314 15.51 -13.22 5.49
C VAL B 314 14.37 -12.47 4.85
N LEU B 315 14.42 -12.35 3.52
CA LEU B 315 13.32 -11.83 2.72
C LEU B 315 13.04 -12.83 1.62
N VAL B 316 11.79 -13.29 1.53
CA VAL B 316 11.38 -14.30 0.57
C VAL B 316 10.51 -13.63 -0.48
N GLN B 317 10.80 -13.90 -1.75
CA GLN B 317 9.98 -13.43 -2.86
C GLN B 317 9.57 -14.64 -3.71
N VAL B 318 8.27 -14.80 -3.91
CA VAL B 318 7.72 -15.94 -4.64
C VAL B 318 7.12 -15.42 -5.93
N SER B 319 7.75 -15.74 -7.06
CA SER B 319 7.35 -15.22 -8.37
C SER B 319 6.48 -16.27 -9.05
N TYR B 320 5.17 -16.23 -8.79
CA TYR B 320 4.22 -17.09 -9.46
C TYR B 320 4.04 -16.69 -10.92
N ALA B 321 3.44 -17.59 -11.69
CA ALA B 321 3.08 -17.34 -13.08
C ALA B 321 1.60 -17.71 -13.28
N ILE B 322 1.08 -17.39 -14.47
CA ILE B 322 -0.35 -17.55 -14.75
C ILE B 322 -0.72 -19.01 -14.89
N GLY B 323 -0.24 -19.65 -15.96
CA GLY B 323 -0.60 -21.03 -16.24
C GLY B 323 0.28 -22.05 -15.54
N VAL B 324 0.76 -21.73 -14.34
CA VAL B 324 1.60 -22.61 -13.55
C VAL B 324 1.05 -22.63 -12.12
N SER B 325 0.92 -23.84 -11.56
CA SER B 325 0.44 -23.97 -10.19
C SER B 325 1.56 -23.77 -9.18
N HIS B 326 2.66 -24.52 -9.32
CA HIS B 326 3.82 -24.33 -8.45
C HIS B 326 4.42 -22.94 -8.68
N PRO B 327 5.19 -22.44 -7.71
CA PRO B 327 5.91 -21.17 -7.92
C PRO B 327 6.90 -21.29 -9.08
N LEU B 328 6.94 -20.24 -9.90
CA LEU B 328 7.85 -20.21 -11.04
C LEU B 328 9.29 -19.90 -10.61
N SER B 329 9.47 -19.05 -9.60
CA SER B 329 10.81 -18.72 -9.12
C SER B 329 10.72 -18.24 -7.68
N ILE B 330 11.53 -18.85 -6.81
CA ILE B 330 11.66 -18.45 -5.42
C ILE B 330 13.08 -17.95 -5.22
N SER B 331 13.22 -16.70 -4.76
CA SER B 331 14.52 -16.12 -4.45
C SER B 331 14.55 -15.76 -2.98
N ILE B 332 15.59 -16.22 -2.28
CA ILE B 332 15.76 -16.03 -0.85
C ILE B 332 16.87 -15.02 -0.64
N PHE B 333 16.55 -13.91 0.02
CA PHE B 333 17.52 -12.88 0.36
C PHE B 333 17.75 -12.94 1.87
N HIS B 334 18.83 -13.61 2.29
CA HIS B 334 19.11 -13.72 3.71
C HIS B 334 20.07 -12.63 4.21
N TYR B 335 20.28 -11.57 3.44
CA TYR B 335 21.06 -10.40 3.85
C TYR B 335 22.49 -10.74 4.29
N GLY B 336 22.88 -12.00 4.17
CA GLY B 336 24.18 -12.44 4.66
C GLY B 336 24.18 -12.93 6.09
N THR B 337 23.06 -13.47 6.57
CA THR B 337 22.93 -13.93 7.95
C THR B 337 22.84 -15.45 8.05
N SER B 338 23.40 -16.15 7.05
CA SER B 338 23.32 -17.61 7.01
C SER B 338 24.63 -18.18 6.51
N GLN B 339 24.99 -19.35 7.04
CA GLN B 339 26.17 -20.04 6.54
C GLN B 339 25.91 -20.69 5.19
N LYS B 340 24.66 -21.05 4.92
CA LYS B 340 24.29 -21.64 3.65
C LYS B 340 23.99 -20.55 2.63
N SER B 341 24.20 -20.87 1.36
CA SER B 341 23.99 -19.88 0.30
C SER B 341 22.51 -19.66 0.05
N GLU B 342 22.21 -18.57 -0.66
CA GLU B 342 20.84 -18.15 -0.93
C GLU B 342 20.15 -19.12 -1.87
N ARG B 343 20.90 -20.11 -2.35
CA ARG B 343 20.35 -21.19 -3.15
C ARG B 343 20.37 -22.54 -2.45
N GLU B 344 21.21 -22.69 -1.42
CA GLU B 344 21.08 -23.86 -0.54
C GLU B 344 19.72 -23.87 0.14
N LEU B 345 19.27 -22.71 0.62
CA LEU B 345 17.97 -22.61 1.29
C LEU B 345 16.83 -22.89 0.33
N LEU B 346 17.03 -22.64 -0.97
CA LEU B 346 16.00 -22.96 -1.95
C LEU B 346 15.66 -24.45 -1.92
N GLU B 347 16.68 -25.30 -1.80
CA GLU B 347 16.43 -26.74 -1.74
C GLU B 347 15.64 -27.10 -0.48
N ILE B 348 15.93 -26.45 0.64
CA ILE B 348 15.19 -26.74 1.86
C ILE B 348 13.77 -26.20 1.76
N VAL B 349 13.56 -25.11 1.04
CA VAL B 349 12.22 -24.53 0.92
C VAL B 349 11.30 -25.48 0.17
N LYS B 350 11.68 -25.88 -1.04
CA LYS B 350 10.82 -26.76 -1.82
C LYS B 350 10.80 -28.17 -1.28
N LYS B 351 11.79 -28.56 -0.46
CA LYS B 351 11.73 -29.85 0.20
C LYS B 351 10.69 -29.90 1.32
N ASN B 352 10.28 -28.74 1.84
CA ASN B 352 9.39 -28.67 2.98
C ASN B 352 8.07 -27.96 2.70
N PHE B 353 8.04 -26.99 1.79
CA PHE B 353 6.85 -26.19 1.53
C PHE B 353 6.30 -26.49 0.15
N ASP B 354 4.98 -26.58 0.07
CA ASP B 354 4.24 -26.71 -1.19
C ASP B 354 3.43 -25.42 -1.34
N LEU B 355 3.93 -24.52 -2.19
CA LEU B 355 3.40 -23.16 -2.27
C LEU B 355 2.44 -22.97 -3.44
N ARG B 356 1.84 -24.04 -3.95
CA ARG B 356 0.71 -23.88 -4.85
C ARG B 356 -0.39 -23.10 -4.13
N PRO B 357 -1.07 -22.17 -4.83
CA PRO B 357 -2.12 -21.39 -4.14
C PRO B 357 -3.23 -22.26 -3.56
N GLY B 358 -3.72 -23.26 -4.31
CA GLY B 358 -4.76 -24.12 -3.78
C GLY B 358 -4.30 -24.97 -2.61
N VAL B 359 -3.00 -25.24 -2.53
CA VAL B 359 -2.47 -26.02 -1.41
C VAL B 359 -2.22 -25.15 -0.18
N ILE B 360 -2.02 -23.84 -0.38
CA ILE B 360 -1.82 -22.94 0.76
C ILE B 360 -3.08 -22.86 1.61
N VAL B 361 -4.26 -22.82 0.96
CA VAL B 361 -5.50 -22.72 1.72
C VAL B 361 -5.74 -23.97 2.54
N ARG B 362 -5.24 -25.12 2.07
CA ARG B 362 -5.41 -26.37 2.82
C ARG B 362 -4.44 -26.44 4.01
N ASP B 363 -3.23 -25.92 3.84
CA ASP B 363 -2.23 -26.00 4.90
C ASP B 363 -2.43 -24.90 5.94
N LEU B 364 -2.82 -23.70 5.51
CA LEU B 364 -3.04 -22.60 6.44
C LEU B 364 -4.50 -22.47 6.86
N ASP B 365 -5.36 -23.40 6.43
CA ASP B 365 -6.76 -23.45 6.85
C ASP B 365 -7.46 -22.11 6.60
N LEU B 366 -7.29 -21.61 5.38
CA LEU B 366 -7.74 -20.26 5.03
C LEU B 366 -9.21 -20.20 4.65
N LYS B 367 -9.98 -21.27 4.83
CA LYS B 367 -11.41 -21.22 4.62
C LYS B 367 -12.19 -20.86 5.87
N LYS B 368 -11.56 -20.92 7.04
CA LYS B 368 -12.21 -20.60 8.29
C LYS B 368 -12.36 -19.08 8.43
N PRO B 369 -13.43 -18.61 9.11
CA PRO B 369 -13.59 -17.16 9.32
C PRO B 369 -12.74 -16.65 10.48
N ILE B 370 -11.50 -16.29 10.18
CA ILE B 370 -10.54 -15.77 11.14
C ILE B 370 -10.00 -14.42 10.74
N TYR B 371 -10.58 -13.79 9.71
CA TYR B 371 -9.95 -12.65 9.07
C TYR B 371 -10.25 -11.33 9.76
N GLN B 372 -11.31 -11.26 10.55
CA GLN B 372 -11.58 -10.03 11.29
C GLN B 372 -10.51 -9.80 12.36
N ARG B 373 -10.00 -10.88 12.96
CA ARG B 373 -8.94 -10.76 13.95
C ARG B 373 -7.63 -10.27 13.34
N THR B 374 -7.43 -10.47 12.05
CA THR B 374 -6.19 -10.02 11.40
C THR B 374 -6.24 -8.55 11.02
N ALA B 375 -7.43 -7.97 10.87
CA ALA B 375 -7.56 -6.62 10.34
C ALA B 375 -7.26 -5.54 11.37
N ALA B 376 -6.47 -5.85 12.40
CA ALA B 376 -6.08 -4.85 13.39
C ALA B 376 -4.85 -5.34 14.12
N TYR B 377 -3.93 -4.42 14.41
CA TYR B 377 -2.68 -4.67 15.12
C TYR B 377 -1.73 -5.58 14.35
N GLY B 378 -1.88 -5.66 13.02
CA GLY B 378 -0.93 -6.37 12.20
C GLY B 378 -1.30 -7.80 11.87
N HIS B 379 -1.26 -8.15 10.59
CA HIS B 379 -1.51 -9.52 10.15
C HIS B 379 -0.37 -10.46 10.49
N PHE B 380 0.80 -9.94 10.85
CA PHE B 380 2.00 -10.75 11.07
C PHE B 380 2.56 -10.50 12.46
N GLY B 381 2.96 -11.57 13.12
CA GLY B 381 3.68 -11.49 14.38
C GLY B 381 2.88 -11.83 15.62
N ARG B 382 1.60 -12.18 15.48
CA ARG B 382 0.75 -12.44 16.63
C ARG B 382 0.46 -13.93 16.76
N ASP B 383 0.20 -14.36 18.00
CA ASP B 383 0.29 -15.77 18.39
C ASP B 383 -0.57 -16.71 17.57
N SER B 384 -1.89 -16.64 17.73
CA SER B 384 -2.78 -17.68 17.21
C SER B 384 -3.18 -17.36 15.76
N PHE B 385 -2.22 -17.60 14.87
CA PHE B 385 -2.45 -17.54 13.43
C PHE B 385 -1.68 -18.68 12.80
N PRO B 386 -2.26 -19.34 11.78
CA PRO B 386 -1.58 -20.49 11.17
C PRO B 386 -0.23 -20.17 10.58
N TRP B 387 -0.09 -19.00 9.96
CA TRP B 387 1.16 -18.61 9.32
C TRP B 387 2.19 -18.05 10.29
N GLU B 388 1.88 -18.02 11.59
CA GLU B 388 2.84 -17.58 12.60
C GLU B 388 3.40 -18.73 13.42
N VAL B 389 2.97 -19.97 13.16
CA VAL B 389 3.53 -21.16 13.79
C VAL B 389 4.54 -21.75 12.81
N PRO B 390 5.85 -21.61 13.06
CA PRO B 390 6.84 -22.09 12.10
C PRO B 390 6.74 -23.59 11.89
N LYS B 391 7.00 -24.02 10.66
CA LYS B 391 6.97 -25.42 10.29
C LYS B 391 8.31 -26.07 10.59
N LYS B 392 8.29 -27.23 11.22
CA LYS B 392 9.51 -27.97 11.52
C LYS B 392 10.13 -28.46 10.22
N LEU B 393 11.29 -27.92 9.87
CA LEU B 393 11.89 -28.18 8.56
C LEU B 393 12.72 -29.46 8.60
N LYS B 394 12.62 -30.23 7.52
CA LYS B 394 13.41 -31.46 7.35
C LYS B 394 14.41 -31.25 6.22
N TYR B 395 15.68 -31.51 6.51
CA TYR B 395 16.73 -31.37 5.50
C TYR B 395 17.94 -32.22 5.87
N YQP C . -11.00 -8.01 -6.85
CA YQP C . -12.06 -7.57 -7.73
C YQP C . -13.02 -8.72 -8.02
O YQP C . -14.23 -8.49 -8.25
CB YQP C . -11.48 -7.03 -9.06
CG YQP C . -9.94 -6.75 -8.89
SD YQP C . -9.15 -6.87 -10.52
CE YQP C . -7.50 -7.55 -10.33
OXT YQP C . -12.60 -9.90 -8.01
CAH YQP C . -9.03 -5.19 -11.28
CAK YQP C . -8.53 -5.32 -12.67
CAM YQP C . -8.68 -6.59 -14.66
CAN YQP C . -9.16 -5.21 -14.88
CAO YQP C . -9.43 -4.64 -13.61
CAS YQP C . -8.99 -8.52 -16.07
CAT YQP C . -10.92 -7.62 -14.89
CAV YQP C . -9.80 -9.51 -16.65
CAW YQP C . -11.20 -9.57 -16.34
NAR YQP C . -9.54 -7.56 -15.19
NAU YQP C . -11.75 -8.65 -15.49
OAL YQP C . -8.47 -6.80 -13.12
OAP YQP C . -9.16 -3.20 -13.63
OAQ YQP C . -8.09 -4.43 -15.55
OAX YQP C . -11.99 -10.57 -16.92
OAY YQP C . -11.52 -6.70 -14.03
C1 EDO D . -25.40 -17.71 -7.41
O1 EDO D . -24.87 -16.76 -6.49
C2 EDO D . -24.28 -18.55 -8.00
O2 EDO D . -23.69 -19.36 -6.98
N YQP E . -8.10 14.26 7.54
CA YQP E . -6.95 14.75 6.81
C YQP E . -6.92 16.27 6.88
O YQP E . -6.12 16.84 7.67
CB YQP E . -5.65 14.21 7.46
CG YQP E . -5.92 12.72 7.90
SD YQP E . -5.58 12.52 9.67
CE YQP E . -4.34 13.73 10.15
OXT YQP E . -7.68 16.95 6.15
CAH YQP E . -4.98 10.79 9.94
CAK YQP E . -5.02 10.41 11.37
CAM YQP E . -5.09 11.21 13.58
CAN YQP E . -6.33 10.48 13.28
CAO YQP E . -6.39 10.29 11.86
CAS YQP E . -4.28 12.77 15.22
CAT YQP E . -6.34 13.34 14.05
CAV YQP E . -4.35 13.97 15.96
CAW YQP E . -5.45 14.87 15.74
NAR YQP E . -5.27 12.44 14.27
NAU YQP E . -6.41 14.57 14.81
OAL YQP E . -4.29 11.46 12.25
OAP YQP E . -6.92 8.94 11.56
OAQ YQP E . -6.28 9.15 13.93
OAX YQP E . -5.53 16.07 16.46
OAY YQP E . -7.36 13.08 13.12
#